data_8VIC
#
_entry.id   8VIC
#
_cell.length_a   1.00
_cell.length_b   1.00
_cell.length_c   1.00
_cell.angle_alpha   90.00
_cell.angle_beta   90.00
_cell.angle_gamma   90.00
#
_symmetry.space_group_name_H-M   'P 1'
#
loop_
_entity.id
_entity.type
_entity.pdbx_description
1 polymer 'Endosomal/lysosomal potassium channel TMEM175'
2 non-polymer "(2P,2'P)-2,2'-(1,3-phenylene)di(pyridin-4-amine)"
#
_entity_poly.entity_id   1
_entity_poly.type   'polypeptide(L)'
_entity_poly.pdbx_seq_one_letter_code
;MSQPRTPEQALDTPGDCPPGRRDEDAGEGIQCSQRMLSFSDALLSIIATVMILPVTHTEISPEQQFDRSVQRLLATRIAV
YLMTFLIVTVAWAAHTRLFQVVGKTDDTLALLNLACMMTITFLPYTFSLMVTFPDVPLGIFLFCVCVIAIGVVQALIVGY
AFHFPHLLSPQIQRSAHRALYRRHVLGIVLQGPALCFAAAIFSLFFVPLSYLLMVTVILLPYVSKVTGWCRDRLLGHREP
SAHPVEVFSFDLHEPLSKERVEAFSDGVYAIVATLLILDICEDNVPDPKDVKERFSGSLVAALSATGPRFLAYFGSFATV
GLLWFAHHSLFLHVRKATRAMGLLNTLSLAFVGGLPLAYQQTSAFARQPRDELERVRVSCTIIFLASIFQLAMWTTALLH
QAETLQPSVWFGGREHVLMFAKLALYPCASLLAFASTCLLSRFSVGIFHLMQIAVPCAFLLLRLLVGLALATLRVLRGLA
RPEHPPPAPTGQDDPQSQLLPAPC
;
_entity_poly.pdbx_strand_id   A,B
#
loop_
_chem_comp.id
_chem_comp.type
_chem_comp.name
_chem_comp.formula
A1AA3 non-polymer (2P,2'P)-2,2'-(1,3-phenylene)di(pyridin-4-amine) 'C16 H14 N4'
#
# COMPACT_ATOMS: atom_id res chain seq x y z
N ILE A 30 -20.49 19.81 5.20
CA ILE A 30 -19.21 19.67 5.89
C ILE A 30 -18.99 18.24 6.32
N GLN A 31 -17.75 17.77 6.23
CA GLN A 31 -17.39 16.40 6.58
C GLN A 31 -16.01 16.39 7.20
N CYS A 32 -15.77 15.39 8.04
CA CYS A 32 -14.44 15.22 8.64
C CYS A 32 -13.48 14.69 7.59
N SER A 33 -12.32 15.33 7.47
CA SER A 33 -11.35 14.99 6.44
C SER A 33 -10.35 13.93 6.88
N GLN A 34 -10.49 13.41 8.10
CA GLN A 34 -9.47 12.49 8.62
C GLN A 34 -9.31 11.28 7.71
N ARG A 35 -10.42 10.67 7.28
CA ARG A 35 -10.30 9.53 6.38
C ARG A 35 -9.80 9.95 5.00
N MET A 36 -10.31 11.06 4.49
CA MET A 36 -9.95 11.46 3.13
C MET A 36 -8.45 11.63 2.99
N LEU A 37 -7.83 12.34 3.95
CA LEU A 37 -6.38 12.52 3.88
C LEU A 37 -5.65 11.19 3.97
N SER A 38 -6.07 10.32 4.90
CA SER A 38 -5.40 9.04 5.05
C SER A 38 -5.37 8.27 3.74
N PHE A 39 -6.41 8.40 2.93
CA PHE A 39 -6.38 7.78 1.61
C PHE A 39 -5.31 8.41 0.74
N SER A 40 -5.19 9.74 0.79
CA SER A 40 -4.18 10.41 -0.03
C SER A 40 -2.78 9.94 0.32
N ASP A 41 -2.53 9.70 1.60
CA ASP A 41 -1.22 9.19 2.01
C ASP A 41 -1.04 7.74 1.61
N ALA A 42 -2.13 6.98 1.51
CA ALA A 42 -2.04 5.62 0.97
C ALA A 42 -1.64 5.65 -0.49
N LEU A 43 -2.21 6.57 -1.26
CA LEU A 43 -1.84 6.69 -2.67
C LEU A 43 -0.41 7.16 -2.82
N LEU A 44 -0.01 8.18 -2.06
CA LEU A 44 1.31 8.78 -2.26
C LEU A 44 2.42 7.80 -1.91
N SER A 45 2.30 7.09 -0.79
CA SER A 45 3.32 6.10 -0.45
C SER A 45 3.45 5.04 -1.53
N ILE A 46 2.33 4.64 -2.13
CA ILE A 46 2.38 3.71 -3.25
C ILE A 46 3.14 4.34 -4.40
N ILE A 47 2.92 5.63 -4.64
CA ILE A 47 3.52 6.30 -5.80
C ILE A 47 4.98 6.60 -5.55
N ALA A 48 5.33 7.09 -4.36
CA ALA A 48 6.70 7.51 -4.10
C ALA A 48 7.68 6.36 -4.32
N THR A 49 7.35 5.17 -3.82
CA THR A 49 8.22 4.02 -3.93
C THR A 49 7.93 3.17 -5.16
N VAL A 50 7.30 3.75 -6.19
CA VAL A 50 7.03 2.98 -7.41
C VAL A 50 8.34 2.56 -8.07
N MET A 51 9.30 3.49 -8.12
CA MET A 51 10.52 3.26 -8.88
C MET A 51 11.46 2.27 -8.22
N ILE A 52 11.14 1.78 -7.02
CA ILE A 52 11.99 0.77 -6.40
C ILE A 52 11.80 -0.60 -7.03
N LEU A 53 10.68 -0.84 -7.71
CA LEU A 53 10.46 -2.14 -8.31
C LEU A 53 11.48 -2.45 -9.41
N PRO A 54 11.76 -1.55 -10.35
CA PRO A 54 12.85 -1.84 -11.30
C PRO A 54 14.19 -2.05 -10.63
N VAL A 55 14.44 -1.37 -9.51
CA VAL A 55 15.73 -1.50 -8.83
C VAL A 55 15.94 -2.93 -8.37
N THR A 56 14.92 -3.51 -7.73
CA THR A 56 15.06 -4.84 -7.16
C THR A 56 14.86 -5.95 -8.18
N HIS A 57 14.30 -5.65 -9.35
CA HIS A 57 14.13 -6.65 -10.39
C HIS A 57 15.35 -6.79 -11.29
N THR A 58 16.36 -5.94 -11.11
CA THR A 58 17.58 -6.06 -11.90
C THR A 58 18.24 -7.42 -11.62
N GLU A 59 18.71 -8.06 -12.69
CA GLU A 59 19.30 -9.39 -12.60
C GLU A 59 20.81 -9.29 -12.66
N ILE A 60 21.48 -10.16 -11.90
CA ILE A 60 22.93 -10.18 -11.87
C ILE A 60 23.48 -11.04 -12.99
N ASP A 67 29.49 -7.54 -16.49
CA ASP A 67 29.17 -7.07 -15.15
C ASP A 67 29.28 -5.55 -15.06
N ARG A 68 30.20 -4.98 -15.85
CA ARG A 68 30.37 -3.53 -15.84
C ARG A 68 29.10 -2.83 -16.31
N SER A 69 28.47 -3.34 -17.36
CA SER A 69 27.25 -2.73 -17.87
C SER A 69 26.15 -2.78 -16.81
N VAL A 70 26.01 -3.92 -16.12
CA VAL A 70 24.99 -4.04 -15.09
C VAL A 70 25.22 -3.02 -13.99
N GLN A 71 26.48 -2.83 -13.60
CA GLN A 71 26.80 -1.84 -12.58
C GLN A 71 26.33 -0.45 -13.00
N ARG A 72 26.61 -0.08 -14.26
CA ARG A 72 26.15 1.22 -14.75
C ARG A 72 24.63 1.26 -14.82
N LEU A 73 24.01 0.17 -15.26
CA LEU A 73 22.55 0.12 -15.32
C LEU A 73 21.95 0.20 -13.92
N LEU A 74 22.55 -0.50 -12.95
CA LEU A 74 22.03 -0.47 -11.59
C LEU A 74 22.18 0.92 -10.98
N ALA A 75 23.29 1.60 -11.26
CA ALA A 75 23.52 2.90 -10.67
C ALA A 75 22.46 3.91 -11.10
N THR A 76 22.13 3.92 -12.39
CA THR A 76 21.16 4.90 -12.88
C THR A 76 19.77 4.63 -12.33
N ARG A 77 19.40 3.34 -12.20
CA ARG A 77 18.10 3.01 -11.63
C ARG A 77 18.00 3.50 -10.20
N ILE A 78 19.06 3.32 -9.41
CA ILE A 78 19.07 3.82 -8.04
C ILE A 78 19.04 5.34 -8.03
N ALA A 79 19.70 5.97 -8.99
CA ALA A 79 19.67 7.42 -9.07
C ALA A 79 18.27 7.93 -9.35
N VAL A 80 17.56 7.29 -10.28
CA VAL A 80 16.20 7.72 -10.58
C VAL A 80 15.29 7.49 -9.37
N TYR A 81 15.43 6.35 -8.71
CA TYR A 81 14.56 6.06 -7.57
C TYR A 81 14.71 7.11 -6.48
N LEU A 82 15.95 7.49 -6.19
CA LEU A 82 16.18 8.51 -5.17
C LEU A 82 15.55 9.83 -5.59
N MET A 83 15.66 10.19 -6.87
CA MET A 83 15.09 11.44 -7.33
C MET A 83 13.57 11.43 -7.20
N THR A 84 12.92 10.40 -7.77
CA THR A 84 11.46 10.40 -7.80
C THR A 84 10.89 10.36 -6.39
N PHE A 85 11.56 9.66 -5.47
CA PHE A 85 11.09 9.66 -4.09
C PHE A 85 11.09 11.07 -3.53
N LEU A 86 12.15 11.84 -3.80
CA LEU A 86 12.20 13.20 -3.31
C LEU A 86 11.14 14.06 -3.98
N ILE A 87 10.92 13.86 -5.28
CA ILE A 87 9.93 14.67 -6.00
C ILE A 87 8.53 14.40 -5.45
N VAL A 88 8.16 13.13 -5.34
CA VAL A 88 6.84 12.79 -4.83
C VAL A 88 6.68 13.28 -3.39
N THR A 89 7.70 13.09 -2.56
CA THR A 89 7.64 13.60 -1.20
C THR A 89 7.48 15.11 -1.20
N VAL A 90 8.11 15.80 -2.15
CA VAL A 90 7.92 17.23 -2.30
C VAL A 90 6.45 17.52 -2.61
N ALA A 91 5.86 16.73 -3.51
CA ALA A 91 4.43 16.88 -3.80
C ALA A 91 3.60 16.58 -2.56
N TRP A 92 3.95 15.52 -1.83
CA TRP A 92 3.21 15.19 -0.62
C TRP A 92 3.32 16.31 0.41
N ALA A 93 4.50 16.90 0.54
CA ALA A 93 4.68 17.98 1.50
C ALA A 93 3.75 19.14 1.20
N ALA A 94 3.61 19.50 -0.08
CA ALA A 94 2.66 20.55 -0.45
C ALA A 94 1.25 20.15 -0.08
N HIS A 95 0.89 18.90 -0.36
CA HIS A 95 -0.47 18.45 -0.05
C HIS A 95 -0.79 18.60 1.42
N THR A 96 0.16 18.24 2.29
CA THR A 96 -0.08 18.36 3.73
C THR A 96 -0.31 19.81 4.14
N ARG A 97 0.50 20.72 3.60
CA ARG A 97 0.33 22.13 3.95
C ARG A 97 -0.98 22.68 3.39
N LEU A 98 -1.34 22.27 2.18
CA LEU A 98 -2.56 22.80 1.56
C LEU A 98 -3.78 22.43 2.39
N PHE A 99 -3.90 21.15 2.77
CA PHE A 99 -5.09 20.69 3.48
C PHE A 99 -5.05 21.01 4.96
N GLN A 100 -3.94 21.55 5.48
CA GLN A 100 -3.97 22.14 6.80
C GLN A 100 -4.73 23.46 6.82
N VAL A 101 -4.93 24.08 5.65
CA VAL A 101 -5.75 25.27 5.55
C VAL A 101 -7.22 24.91 5.32
N VAL A 102 -7.48 23.80 4.65
CA VAL A 102 -8.84 23.33 4.39
C VAL A 102 -9.16 22.36 5.53
N GLY A 103 -9.67 22.90 6.64
CA GLY A 103 -9.87 22.07 7.82
C GLY A 103 -10.88 20.96 7.58
N LYS A 104 -12.01 21.30 6.99
CA LYS A 104 -13.09 20.35 6.74
C LYS A 104 -13.27 20.17 5.24
N THR A 105 -14.15 19.23 4.88
CA THR A 105 -14.38 18.89 3.48
C THR A 105 -15.85 18.61 3.26
N ASP A 106 -16.28 18.70 2.00
CA ASP A 106 -17.63 18.32 1.61
C ASP A 106 -17.53 17.56 0.30
N ASP A 107 -18.68 17.34 -0.34
CA ASP A 107 -18.72 16.47 -1.51
C ASP A 107 -17.82 16.99 -2.63
N THR A 108 -17.87 18.30 -2.90
CA THR A 108 -17.10 18.84 -3.99
C THR A 108 -15.61 18.71 -3.75
N LEU A 109 -15.17 18.97 -2.52
CA LEU A 109 -13.74 18.90 -2.22
C LEU A 109 -13.21 17.48 -2.39
N ALA A 110 -13.98 16.48 -1.97
CA ALA A 110 -13.52 15.10 -2.08
C ALA A 110 -13.26 14.72 -3.53
N LEU A 111 -14.14 15.16 -4.44
CA LEU A 111 -13.89 14.92 -5.86
C LEU A 111 -12.66 15.66 -6.33
N LEU A 112 -12.49 16.91 -5.92
CA LEU A 112 -11.33 17.68 -6.36
C LEU A 112 -10.04 17.05 -5.84
N ASN A 113 -10.04 16.59 -4.58
CA ASN A 113 -8.85 15.93 -4.05
C ASN A 113 -8.47 14.73 -4.89
N LEU A 114 -9.46 13.95 -5.33
CA LEU A 114 -9.17 12.83 -6.21
C LEU A 114 -8.50 13.30 -7.49
N ALA A 115 -8.92 14.45 -8.02
CA ALA A 115 -8.29 14.98 -9.21
C ALA A 115 -6.81 15.27 -8.96
N CYS A 116 -6.48 15.82 -7.80
CA CYS A 116 -5.09 16.10 -7.48
C CYS A 116 -4.26 14.82 -7.49
N MET A 117 -4.78 13.74 -6.89
CA MET A 117 -4.05 12.49 -6.86
C MET A 117 -3.85 11.94 -8.27
N MET A 118 -4.89 12.02 -9.10
CA MET A 118 -4.76 11.54 -10.48
C MET A 118 -3.59 12.23 -11.18
N THR A 119 -3.34 13.49 -10.83
CA THR A 119 -2.27 14.24 -11.47
C THR A 119 -0.90 13.83 -10.93
N ILE A 120 -0.80 13.57 -9.63
CA ILE A 120 0.50 13.30 -9.03
C ILE A 120 0.96 11.88 -9.35
N THR A 121 0.05 11.01 -9.78
CA THR A 121 0.40 9.63 -10.07
C THR A 121 1.18 9.52 -11.37
N PHE A 122 1.49 10.64 -12.01
CA PHE A 122 2.26 10.67 -13.24
C PHE A 122 3.69 11.16 -13.04
N LEU A 123 3.99 11.77 -11.89
CA LEU A 123 5.34 12.30 -11.67
C LEU A 123 6.41 11.23 -11.84
N PRO A 124 6.26 10.03 -11.26
CA PRO A 124 7.29 9.01 -11.49
C PRO A 124 7.52 8.69 -12.96
N TYR A 125 6.44 8.59 -13.74
CA TYR A 125 6.61 8.22 -15.15
C TYR A 125 7.17 9.38 -15.95
N THR A 126 6.62 10.58 -15.78
CA THR A 126 7.08 11.71 -16.57
C THR A 126 8.54 12.04 -16.28
N PHE A 127 8.94 12.01 -15.02
CA PHE A 127 10.33 12.27 -14.67
C PHE A 127 11.25 11.24 -15.32
N SER A 128 10.88 9.97 -15.29
CA SER A 128 11.69 8.95 -15.92
C SER A 128 11.83 9.20 -17.41
N LEU A 129 10.75 9.65 -18.05
CA LEU A 129 10.82 9.98 -19.47
C LEU A 129 11.77 11.14 -19.72
N MET A 130 11.73 12.16 -18.87
CA MET A 130 12.64 13.30 -19.01
C MET A 130 14.08 12.85 -18.90
N VAL A 131 14.42 12.11 -17.84
CA VAL A 131 15.80 11.71 -17.61
C VAL A 131 16.28 10.81 -18.73
N THR A 132 15.47 9.83 -19.13
CA THR A 132 15.91 8.89 -20.16
C THR A 132 16.19 9.57 -21.49
N PHE A 133 15.55 10.71 -21.76
CA PHE A 133 15.68 11.42 -23.04
C PHE A 133 16.00 12.88 -22.77
N PRO A 134 17.21 13.17 -22.30
CA PRO A 134 17.57 14.58 -22.03
C PRO A 134 17.52 15.46 -23.26
N ASP A 135 17.90 14.95 -24.43
CA ASP A 135 18.01 15.79 -25.62
C ASP A 135 16.66 16.25 -26.14
N VAL A 136 15.70 15.34 -26.26
CA VAL A 136 14.41 15.65 -26.88
C VAL A 136 13.66 16.61 -25.96
N PRO A 137 13.21 17.77 -26.45
CA PRO A 137 12.53 18.73 -25.56
C PRO A 137 11.15 18.27 -25.13
N LEU A 138 10.61 17.22 -25.72
CA LEU A 138 9.28 16.74 -25.33
C LEU A 138 9.25 16.35 -23.87
N GLY A 139 10.28 15.63 -23.40
CA GLY A 139 10.25 15.12 -22.04
C GLY A 139 10.10 16.21 -21.00
N ILE A 140 10.88 17.29 -21.13
CA ILE A 140 10.81 18.37 -20.16
C ILE A 140 9.43 19.03 -20.22
N PHE A 141 8.85 19.09 -21.42
CA PHE A 141 7.54 19.73 -21.57
C PHE A 141 6.48 18.96 -20.79
N LEU A 142 6.51 17.62 -20.86
CA LEU A 142 5.55 16.82 -20.10
C LEU A 142 5.72 17.04 -18.60
N PHE A 143 6.96 17.04 -18.12
CA PHE A 143 7.19 17.23 -16.69
C PHE A 143 6.70 18.60 -16.24
N CYS A 144 6.96 19.63 -17.03
CA CYS A 144 6.43 20.96 -16.70
C CYS A 144 4.91 20.95 -16.73
N VAL A 145 4.31 20.26 -17.71
CA VAL A 145 2.86 20.20 -17.79
C VAL A 145 2.27 19.54 -16.56
N CYS A 146 2.83 18.40 -16.16
CA CYS A 146 2.30 17.67 -15.01
C CYS A 146 2.40 18.52 -13.74
N VAL A 147 3.53 19.17 -13.53
CA VAL A 147 3.69 20.00 -12.33
C VAL A 147 2.69 21.14 -12.34
N ILE A 148 2.50 21.78 -13.49
CA ILE A 148 1.51 22.85 -13.60
C ILE A 148 0.11 22.30 -13.32
N ALA A 149 -0.16 21.08 -13.77
CA ALA A 149 -1.48 20.50 -13.56
C ALA A 149 -1.78 20.38 -12.06
N ILE A 150 -0.80 19.96 -11.27
CA ILE A 150 -1.01 19.88 -9.82
C ILE A 150 -1.26 21.27 -9.26
N GLY A 151 -0.56 22.28 -9.79
CA GLY A 151 -0.72 23.63 -9.28
C GLY A 151 -2.12 24.17 -9.48
N VAL A 152 -2.67 23.99 -10.68
CA VAL A 152 -4.00 24.51 -10.96
C VAL A 152 -5.04 23.78 -10.11
N VAL A 153 -4.92 22.46 -9.99
CA VAL A 153 -5.90 21.71 -9.20
C VAL A 153 -5.88 22.18 -7.75
N GLN A 154 -4.69 22.35 -7.18
CA GLN A 154 -4.60 22.92 -5.84
C GLN A 154 -5.11 24.35 -5.83
N ALA A 155 -4.91 25.08 -6.93
CA ALA A 155 -5.44 26.43 -7.02
C ALA A 155 -6.97 26.40 -6.97
N LEU A 156 -7.57 25.40 -7.60
CA LEU A 156 -9.02 25.27 -7.53
C LEU A 156 -9.49 24.97 -6.10
N ILE A 157 -8.79 24.07 -5.42
CA ILE A 157 -9.22 23.68 -4.07
C ILE A 157 -9.15 24.86 -3.12
N VAL A 158 -8.04 25.59 -3.14
CA VAL A 158 -7.91 26.74 -2.26
C VAL A 158 -8.92 27.81 -2.63
N GLY A 159 -9.20 27.95 -3.93
CA GLY A 159 -10.23 28.89 -4.34
C GLY A 159 -11.60 28.49 -3.86
N TYR A 160 -11.95 27.21 -3.99
CA TYR A 160 -13.26 26.74 -3.57
C TYR A 160 -13.46 26.98 -2.07
N ALA A 161 -12.46 26.66 -1.26
CA ALA A 161 -12.59 26.82 0.18
C ALA A 161 -12.80 28.29 0.54
N PHE A 162 -12.03 29.18 -0.07
CA PHE A 162 -12.18 30.60 0.22
C PHE A 162 -13.56 31.10 -0.18
N HIS A 163 -14.20 30.45 -1.16
CA HIS A 163 -15.54 30.84 -1.55
C HIS A 163 -16.55 30.57 -0.43
N PHE A 164 -16.32 29.50 0.33
CA PHE A 164 -17.19 29.14 1.46
C PHE A 164 -16.38 29.21 2.74
N PRO A 165 -16.47 30.29 3.51
CA PRO A 165 -15.60 30.43 4.69
C PRO A 165 -15.75 29.30 5.69
N HIS A 166 -16.94 28.73 5.85
CA HIS A 166 -17.16 27.74 6.89
C HIS A 166 -16.38 26.46 6.67
N LEU A 167 -15.81 26.25 5.48
CA LEU A 167 -15.03 25.06 5.20
C LEU A 167 -13.55 25.22 5.51
N LEU A 168 -13.13 26.38 6.00
CA LEU A 168 -11.73 26.62 6.34
C LEU A 168 -11.48 26.31 7.82
N SER A 169 -10.20 26.21 8.17
CA SER A 169 -9.83 25.94 9.54
C SER A 169 -10.12 27.17 10.41
N PRO A 170 -10.42 26.96 11.69
CA PRO A 170 -10.76 28.10 12.55
C PRO A 170 -9.67 29.16 12.63
N GLN A 171 -8.41 28.75 12.58
CA GLN A 171 -7.32 29.72 12.70
C GLN A 171 -7.35 30.72 11.55
N ILE A 172 -7.56 30.23 10.32
CA ILE A 172 -7.60 31.12 9.17
C ILE A 172 -9.00 31.72 8.97
N GLN A 173 -10.05 30.93 9.17
CA GLN A 173 -11.42 31.42 8.97
C GLN A 173 -11.74 32.56 9.92
N GLU A 254 4.70 26.37 9.74
CA GLU A 254 5.97 25.66 9.67
C GLU A 254 5.81 24.19 10.10
N PRO A 255 5.26 23.96 11.29
CA PRO A 255 5.13 22.58 11.76
C PRO A 255 4.27 21.74 10.82
N LEU A 256 4.65 20.48 10.68
CA LEU A 256 3.88 19.53 9.88
C LEU A 256 2.91 18.76 10.77
N SER A 257 1.72 18.49 10.24
CA SER A 257 0.74 17.69 10.96
C SER A 257 1.31 16.31 11.23
N LYS A 258 1.16 15.85 12.47
CA LYS A 258 1.79 14.59 12.87
C LYS A 258 1.17 13.40 12.15
N GLU A 259 -0.15 13.34 12.06
CA GLU A 259 -0.80 12.16 11.49
C GLU A 259 -0.34 11.94 10.06
N ARG A 260 -0.22 13.00 9.27
CA ARG A 260 0.21 12.83 7.88
C ARG A 260 1.61 12.26 7.81
N VAL A 261 2.49 12.64 8.74
CA VAL A 261 3.84 12.12 8.75
C VAL A 261 3.84 10.62 9.08
N GLU A 262 2.99 10.21 10.02
CA GLU A 262 2.91 8.80 10.36
C GLU A 262 2.27 7.97 9.25
N ALA A 263 1.18 8.47 8.66
CA ALA A 263 0.48 7.70 7.64
C ALA A 263 1.38 7.42 6.44
N PHE A 264 2.08 8.45 5.98
CA PHE A 264 3.02 8.24 4.88
C PHE A 264 4.12 7.27 5.28
N SER A 265 4.66 7.44 6.49
CA SER A 265 5.74 6.58 6.95
C SER A 265 5.29 5.13 7.06
N ASP A 266 4.11 4.90 7.64
CA ASP A 266 3.62 3.53 7.78
C ASP A 266 3.41 2.87 6.42
N GLY A 267 2.86 3.61 5.46
CA GLY A 267 2.72 3.05 4.14
C GLY A 267 4.06 2.66 3.54
N VAL A 268 5.03 3.58 3.60
CA VAL A 268 6.31 3.32 2.98
C VAL A 268 6.93 2.05 3.55
N TYR A 269 6.86 1.88 4.88
CA TYR A 269 7.40 0.67 5.48
C TYR A 269 6.62 -0.56 5.04
N ALA A 270 5.29 -0.43 4.90
CA ALA A 270 4.47 -1.57 4.50
C ALA A 270 4.85 -2.07 3.11
N ILE A 271 4.90 -1.17 2.12
CA ILE A 271 5.33 -1.58 0.79
C ILE A 271 6.76 -2.09 0.84
N VAL A 272 7.65 -1.38 1.53
CA VAL A 272 9.06 -1.75 1.55
C VAL A 272 9.24 -3.10 2.22
N ALA A 273 8.55 -3.34 3.33
CA ALA A 273 8.73 -4.59 4.07
C ALA A 273 8.35 -5.80 3.22
N THR A 274 7.24 -5.73 2.52
CA THR A 274 6.70 -6.87 1.79
C THR A 274 7.08 -6.87 0.31
N LEU A 275 8.07 -6.07 -0.11
CA LEU A 275 8.42 -6.04 -1.52
C LEU A 275 8.85 -7.41 -2.01
N LEU A 276 9.68 -8.11 -1.23
CA LEU A 276 10.24 -9.36 -1.71
C LEU A 276 9.19 -10.46 -1.78
N ILE A 277 8.27 -10.51 -0.82
CA ILE A 277 7.26 -11.55 -0.82
C ILE A 277 6.33 -11.41 -2.01
N LEU A 278 5.88 -10.19 -2.31
CA LEU A 278 5.01 -10.00 -3.47
C LEU A 278 5.67 -10.55 -4.73
N ASP A 279 7.00 -10.46 -4.79
CA ASP A 279 7.71 -11.04 -5.93
C ASP A 279 7.74 -12.56 -5.85
N ILE A 280 7.84 -13.11 -4.64
CA ILE A 280 7.90 -14.56 -4.48
C ILE A 280 6.55 -15.19 -4.81
N CYS A 281 5.47 -14.61 -4.30
CA CYS A 281 4.15 -15.16 -4.57
C CYS A 281 3.81 -15.15 -6.05
N GLU A 282 4.47 -14.29 -6.83
CA GLU A 282 4.14 -14.07 -8.23
C GLU A 282 5.11 -14.76 -9.18
N ASP A 283 6.40 -14.74 -8.89
CA ASP A 283 7.41 -15.20 -9.84
C ASP A 283 7.90 -16.62 -9.52
N ASN A 284 7.92 -17.01 -8.25
CA ASN A 284 8.64 -18.22 -7.86
C ASN A 284 7.70 -19.27 -7.28
N VAL A 285 6.59 -19.53 -7.96
CA VAL A 285 5.76 -20.69 -7.68
C VAL A 285 6.22 -21.81 -8.62
N PRO A 286 6.60 -22.97 -8.09
CA PRO A 286 7.21 -23.99 -8.96
C PRO A 286 6.29 -24.37 -10.10
N ASP A 287 6.89 -24.60 -11.27
CA ASP A 287 6.14 -25.00 -12.46
C ASP A 287 5.97 -26.52 -12.45
N PRO A 288 4.76 -27.05 -12.52
CA PRO A 288 4.61 -28.52 -12.47
C PRO A 288 5.45 -29.25 -13.51
N LYS A 289 5.53 -28.72 -14.73
CA LYS A 289 6.34 -29.37 -15.75
C LYS A 289 7.83 -29.31 -15.40
N ASP A 290 8.28 -28.16 -14.89
CA ASP A 290 9.70 -28.02 -14.55
C ASP A 290 10.09 -28.95 -13.41
N VAL A 291 9.20 -29.11 -12.42
CA VAL A 291 9.48 -30.01 -11.31
C VAL A 291 9.68 -31.43 -11.82
N LYS A 292 8.83 -31.86 -12.76
CA LYS A 292 8.98 -33.19 -13.33
C LYS A 292 10.30 -33.33 -14.08
N GLU A 293 10.74 -32.25 -14.74
CA GLU A 293 11.91 -32.32 -15.63
C GLU A 293 13.21 -32.02 -14.88
N ARG A 294 13.31 -30.84 -14.30
CA ARG A 294 14.56 -30.36 -13.72
C ARG A 294 14.74 -30.73 -12.26
N PHE A 295 13.77 -31.43 -11.66
CA PHE A 295 13.87 -31.85 -10.27
C PHE A 295 13.44 -33.29 -10.05
N SER A 296 13.26 -34.05 -11.13
CA SER A 296 12.92 -35.47 -11.02
C SER A 296 11.61 -35.69 -10.27
N GLY A 297 10.68 -34.75 -10.38
CA GLY A 297 9.37 -34.91 -9.78
C GLY A 297 9.32 -34.79 -8.28
N SER A 298 10.38 -34.31 -7.64
CA SER A 298 10.43 -34.15 -6.19
C SER A 298 10.18 -32.68 -5.87
N LEU A 299 9.02 -32.40 -5.27
CA LEU A 299 8.68 -31.02 -4.93
C LEU A 299 9.72 -30.43 -3.99
N VAL A 300 10.19 -31.21 -3.02
CA VAL A 300 11.14 -30.69 -2.04
C VAL A 300 12.37 -30.13 -2.74
N ALA A 301 12.84 -30.82 -3.79
CA ALA A 301 14.01 -30.34 -4.52
C ALA A 301 13.75 -28.96 -5.11
N ALA A 302 12.56 -28.76 -5.69
CA ALA A 302 12.25 -27.47 -6.29
C ALA A 302 12.21 -26.37 -5.24
N LEU A 303 11.53 -26.61 -4.11
CA LEU A 303 11.47 -25.60 -3.06
C LEU A 303 12.86 -25.31 -2.51
N SER A 304 13.68 -26.34 -2.32
CA SER A 304 15.03 -26.15 -1.81
C SER A 304 15.83 -25.24 -2.73
N ALA A 305 15.68 -25.38 -4.04
CA ALA A 305 16.35 -24.49 -4.97
C ALA A 305 15.92 -23.04 -4.79
N THR A 306 14.75 -22.81 -4.21
CA THR A 306 14.25 -21.47 -3.94
C THR A 306 14.71 -20.92 -2.60
N GLY A 307 15.41 -21.73 -1.79
CA GLY A 307 15.78 -21.32 -0.46
C GLY A 307 16.46 -19.97 -0.37
N PRO A 308 17.41 -19.67 -1.26
CA PRO A 308 18.09 -18.36 -1.17
C PRO A 308 17.12 -17.19 -1.20
N ARG A 309 16.06 -17.28 -2.00
CA ARG A 309 15.12 -16.16 -2.09
C ARG A 309 14.34 -15.98 -0.80
N PHE A 310 13.98 -17.07 -0.13
CA PHE A 310 13.21 -16.96 1.10
C PHE A 310 14.04 -16.34 2.22
N LEU A 311 15.30 -16.74 2.36
CA LEU A 311 16.15 -16.14 3.39
C LEU A 311 16.28 -14.64 3.18
N ALA A 312 16.22 -14.18 1.93
CA ALA A 312 16.23 -12.76 1.67
C ALA A 312 15.00 -12.09 2.27
N TYR A 313 13.84 -12.74 2.17
CA TYR A 313 12.61 -12.14 2.68
C TYR A 313 12.60 -12.14 4.21
N PHE A 314 13.13 -13.19 4.83
CA PHE A 314 13.16 -13.24 6.29
C PHE A 314 13.91 -12.06 6.85
N GLY A 315 15.13 -11.83 6.38
CA GLY A 315 15.91 -10.71 6.88
C GLY A 315 15.30 -9.38 6.51
N SER A 316 14.83 -9.24 5.27
CA SER A 316 14.30 -7.95 4.82
C SER A 316 13.11 -7.53 5.66
N PHE A 317 12.22 -8.47 5.98
CA PHE A 317 11.08 -8.13 6.82
C PHE A 317 11.52 -7.77 8.23
N ALA A 318 12.45 -8.53 8.80
CA ALA A 318 12.89 -8.26 10.16
C ALA A 318 13.61 -6.92 10.26
N THR A 319 14.57 -6.68 9.38
CA THR A 319 15.30 -5.42 9.41
C THR A 319 14.37 -4.25 9.12
N VAL A 320 13.57 -4.36 8.07
CA VAL A 320 12.58 -3.32 7.79
C VAL A 320 11.50 -3.31 8.86
N GLY A 321 11.14 -4.48 9.37
CA GLY A 321 10.14 -4.54 10.43
C GLY A 321 10.62 -3.90 11.71
N LEU A 322 11.85 -4.20 12.13
CA LEU A 322 12.35 -3.65 13.39
C LEU A 322 12.67 -2.18 13.27
N LEU A 323 12.99 -1.69 12.07
CA LEU A 323 13.15 -0.26 11.86
C LEU A 323 11.83 0.46 12.10
N TRP A 324 10.72 -0.14 11.68
CA TRP A 324 9.42 0.46 11.96
C TRP A 324 9.17 0.54 13.45
N PHE A 325 9.52 -0.52 14.18
CA PHE A 325 9.27 -0.53 15.63
C PHE A 325 10.02 0.62 16.31
N ALA A 326 11.26 0.87 15.90
CA ALA A 326 11.98 2.04 16.40
C ALA A 326 11.29 3.32 15.97
N HIS A 327 10.85 3.39 14.70
CA HIS A 327 10.14 4.57 14.22
C HIS A 327 8.86 4.79 15.00
N HIS A 328 8.09 3.73 15.22
CA HIS A 328 6.81 3.86 15.91
C HIS A 328 7.00 4.35 17.34
N SER A 329 8.05 3.86 18.02
CA SER A 329 8.29 4.28 19.38
C SER A 329 8.66 5.76 19.45
N LEU A 330 9.42 6.25 18.46
CA LEU A 330 9.78 7.65 18.43
C LEU A 330 8.54 8.52 18.29
N PHE A 331 7.72 8.25 17.28
CA PHE A 331 6.65 9.17 16.93
C PHE A 331 5.47 9.11 17.89
N LEU A 332 5.52 8.23 18.89
CA LEU A 332 4.48 8.24 19.91
C LEU A 332 4.71 9.33 20.93
N HIS A 333 5.96 9.76 21.13
CA HIS A 333 6.30 10.73 22.16
C HIS A 333 6.59 12.12 21.61
N VAL A 334 6.33 12.38 20.33
CA VAL A 334 6.63 13.67 19.73
C VAL A 334 5.37 14.53 19.73
N ARG A 335 5.44 15.68 20.38
CA ARG A 335 4.30 16.60 20.41
C ARG A 335 3.98 17.13 19.01
N LYS A 336 4.99 17.66 18.32
CA LYS A 336 4.74 18.46 17.13
C LYS A 336 5.92 18.28 16.18
N ALA A 337 5.69 17.58 15.08
CA ALA A 337 6.74 17.41 14.09
C ALA A 337 7.23 18.78 13.61
N THR A 338 8.40 18.77 12.97
CA THR A 338 9.02 19.98 12.46
C THR A 338 9.53 19.73 11.05
N ARG A 339 9.74 20.82 10.32
CA ARG A 339 10.20 20.70 8.94
C ARG A 339 11.50 19.92 8.87
N ALA A 340 12.44 20.20 9.78
CA ALA A 340 13.69 19.46 9.79
C ALA A 340 13.44 17.98 10.05
N MET A 341 12.56 17.66 10.99
CA MET A 341 12.22 16.26 11.24
C MET A 341 11.61 15.62 10.00
N GLY A 342 10.70 16.33 9.34
CA GLY A 342 10.11 15.80 8.11
C GLY A 342 11.16 15.57 7.04
N LEU A 343 12.09 16.51 6.88
CA LEU A 343 13.14 16.33 5.88
C LEU A 343 14.01 15.14 6.22
N LEU A 344 14.42 15.03 7.49
CA LEU A 344 15.23 13.88 7.89
C LEU A 344 14.44 12.59 7.77
N ASN A 345 13.15 12.63 8.11
CA ASN A 345 12.30 11.46 7.92
C ASN A 345 12.30 11.02 6.47
N THR A 346 12.21 11.97 5.54
CA THR A 346 12.18 11.62 4.13
C THR A 346 13.47 10.89 3.73
N LEU A 347 14.62 11.40 4.19
CA LEU A 347 15.87 10.73 3.89
C LEU A 347 15.92 9.34 4.51
N SER A 348 15.37 9.19 5.72
CA SER A 348 15.36 7.89 6.37
C SER A 348 14.56 6.88 5.56
N LEU A 349 13.41 7.30 5.03
CA LEU A 349 12.59 6.39 4.23
C LEU A 349 13.23 6.12 2.88
N ALA A 350 13.91 7.12 2.31
CA ALA A 350 14.49 6.95 0.99
C ALA A 350 15.50 5.79 1.00
N PHE A 351 16.32 5.72 2.05
CA PHE A 351 17.32 4.66 2.12
C PHE A 351 16.73 3.33 2.56
N VAL A 352 15.68 3.35 3.38
CA VAL A 352 15.03 2.10 3.78
C VAL A 352 14.56 1.34 2.55
N GLY A 353 14.19 2.06 1.49
CA GLY A 353 13.78 1.40 0.27
C GLY A 353 14.85 0.55 -0.35
N GLY A 354 16.11 0.77 0.03
CA GLY A 354 17.21 -0.02 -0.48
C GLY A 354 17.47 -1.30 0.27
N LEU A 355 16.79 -1.53 1.39
CA LEU A 355 17.03 -2.76 2.15
C LEU A 355 16.66 -4.01 1.37
N PRO A 356 15.50 -4.11 0.72
CA PRO A 356 15.23 -5.31 -0.07
C PRO A 356 16.30 -5.60 -1.11
N LEU A 357 16.86 -4.55 -1.71
CA LEU A 357 17.99 -4.76 -2.62
C LEU A 357 19.19 -5.32 -1.88
N ALA A 358 19.48 -4.77 -0.70
CA ALA A 358 20.69 -5.18 0.02
C ALA A 358 20.66 -6.66 0.36
N TYR A 359 19.57 -7.12 0.98
CA TYR A 359 19.51 -8.50 1.43
C TYR A 359 19.46 -9.46 0.26
N GLN A 360 18.91 -9.02 -0.87
CA GLN A 360 18.91 -9.87 -2.06
C GLN A 360 20.32 -10.10 -2.56
N GLN A 361 21.17 -9.08 -2.50
CA GLN A 361 22.55 -9.23 -2.95
C GLN A 361 23.33 -10.16 -2.04
N THR A 362 23.20 -9.98 -0.72
CA THR A 362 23.97 -10.79 0.21
C THR A 362 23.66 -12.27 0.04
N SER A 363 22.38 -12.60 -0.12
CA SER A 363 21.97 -14.00 -0.28
C SER A 363 22.36 -14.56 -1.65
N ALA A 364 22.75 -13.73 -2.59
CA ALA A 364 23.12 -14.21 -3.91
C ALA A 364 24.42 -15.00 -3.86
N PHE A 365 24.51 -16.02 -4.72
CA PHE A 365 25.71 -16.84 -4.79
C PHE A 365 26.91 -15.97 -5.15
N ALA A 366 28.03 -16.23 -4.47
CA ALA A 366 29.25 -15.46 -4.64
C ALA A 366 30.34 -16.35 -5.25
N ARG A 367 30.97 -15.85 -6.32
CA ARG A 367 32.04 -16.61 -6.96
C ARG A 367 33.30 -16.61 -6.10
N GLN A 368 33.66 -15.47 -5.54
CA GLN A 368 34.87 -15.33 -4.74
C GLN A 368 34.54 -14.67 -3.40
N PRO A 369 35.33 -14.95 -2.36
CA PRO A 369 35.03 -14.36 -1.05
C PRO A 369 34.99 -12.84 -1.06
N ARG A 370 35.85 -12.20 -1.85
CA ARG A 370 35.85 -10.75 -1.91
C ARG A 370 34.48 -10.22 -2.32
N ASP A 371 33.78 -10.95 -3.21
CA ASP A 371 32.41 -10.55 -3.54
C ASP A 371 31.52 -10.62 -2.31
N GLU A 372 31.68 -11.66 -1.49
CA GLU A 372 30.91 -11.74 -0.26
C GLU A 372 31.25 -10.57 0.67
N LEU A 373 32.52 -10.19 0.73
CA LEU A 373 32.89 -9.04 1.53
C LEU A 373 32.27 -7.75 0.99
N GLU A 374 32.31 -7.55 -0.33
CA GLU A 374 31.77 -6.33 -0.90
C GLU A 374 30.28 -6.20 -0.58
N ARG A 375 29.52 -7.28 -0.73
CA ARG A 375 28.08 -7.19 -0.52
C ARG A 375 27.74 -6.91 0.93
N VAL A 376 28.54 -7.43 1.87
CA VAL A 376 28.30 -7.14 3.28
C VAL A 376 28.60 -5.68 3.59
N ARG A 377 29.62 -5.11 2.93
CA ARG A 377 29.89 -3.69 3.12
C ARG A 377 28.72 -2.84 2.65
N VAL A 378 28.17 -3.16 1.47
CA VAL A 378 27.01 -2.42 0.96
C VAL A 378 25.80 -2.64 1.85
N SER A 379 25.53 -3.90 2.21
CA SER A 379 24.36 -4.19 3.02
C SER A 379 24.42 -3.49 4.37
N CYS A 380 25.59 -3.49 5.00
CA CYS A 380 25.73 -2.79 6.27
C CYS A 380 25.60 -1.28 6.08
N THR A 381 26.10 -0.77 4.96
CA THR A 381 26.02 0.67 4.72
C THR A 381 24.57 1.14 4.67
N ILE A 382 23.72 0.41 3.94
CA ILE A 382 22.33 0.84 3.78
C ILE A 382 21.61 0.81 5.12
N ILE A 383 21.91 -0.17 5.96
CA ILE A 383 21.28 -0.23 7.28
C ILE A 383 21.71 0.97 8.13
N PHE A 384 22.98 1.36 8.03
CA PHE A 384 23.45 2.51 8.78
C PHE A 384 22.79 3.79 8.29
N LEU A 385 22.75 4.00 6.97
CA LEU A 385 22.12 5.19 6.43
C LEU A 385 20.63 5.21 6.76
N ALA A 386 19.97 4.06 6.65
CA ALA A 386 18.53 4.00 6.93
C ALA A 386 18.24 4.34 8.38
N SER A 387 19.08 3.88 9.31
CA SER A 387 18.83 4.03 10.73
C SER A 387 19.49 5.25 11.34
N ILE A 388 20.62 5.71 10.78
CA ILE A 388 21.29 6.87 11.35
C ILE A 388 20.37 8.07 11.34
N PHE A 389 19.58 8.24 10.27
CA PHE A 389 18.73 9.42 10.17
C PHE A 389 17.58 9.38 11.17
N GLN A 390 17.10 8.19 11.54
CA GLN A 390 16.14 8.11 12.63
C GLN A 390 16.76 8.59 13.93
N LEU A 391 18.03 8.27 14.16
CA LEU A 391 18.74 8.85 15.30
C LEU A 391 18.84 10.36 15.14
N ALA A 392 19.03 10.84 13.90
CA ALA A 392 19.12 12.28 13.67
C ALA A 392 17.82 12.98 14.06
N MET A 393 16.68 12.37 13.74
CA MET A 393 15.41 12.95 14.16
C MET A 393 15.34 13.07 15.68
N TRP A 394 15.77 12.02 16.39
CA TRP A 394 15.77 12.07 17.85
C TRP A 394 16.66 13.20 18.36
N THR A 395 17.88 13.28 17.83
CA THR A 395 18.79 14.34 18.26
C THR A 395 18.23 15.71 17.95
N THR A 396 17.66 15.86 16.75
CA THR A 396 17.08 17.15 16.37
C THR A 396 15.95 17.54 17.32
N ALA A 397 15.08 16.60 17.65
CA ALA A 397 13.95 16.92 18.51
C ALA A 397 14.44 17.35 19.90
N LEU A 398 15.45 16.67 20.43
CA LEU A 398 15.91 16.97 21.79
C LEU A 398 16.33 18.42 21.93
N LEU A 399 16.73 19.06 20.83
CA LEU A 399 17.16 20.45 20.89
C LEU A 399 16.03 21.35 21.37
N HIS A 400 14.81 21.07 20.94
CA HIS A 400 13.64 21.84 21.36
C HIS A 400 12.68 20.92 22.11
N GLN A 401 13.24 20.15 23.04
CA GLN A 401 12.45 19.17 23.77
C GLN A 401 11.22 19.77 24.43
N ALA A 402 11.28 21.05 24.81
CA ALA A 402 10.17 21.65 25.54
C ALA A 402 8.90 21.71 24.70
N GLU A 403 9.03 21.92 23.39
CA GLU A 403 7.88 22.07 22.51
C GLU A 403 7.78 20.98 21.45
N THR A 404 8.46 19.85 21.62
CA THR A 404 8.50 18.83 20.58
C THR A 404 8.33 17.40 21.08
N LEU A 405 8.45 17.15 22.38
CA LEU A 405 8.46 15.78 22.89
C LEU A 405 7.66 15.71 24.18
N GLN A 406 7.30 14.47 24.56
CA GLN A 406 6.71 14.26 25.86
C GLN A 406 7.72 14.61 26.95
N PRO A 407 7.26 15.09 28.11
CA PRO A 407 8.18 15.23 29.25
C PRO A 407 8.78 13.92 29.70
N SER A 408 8.16 12.79 29.33
CA SER A 408 8.68 11.49 29.73
C SER A 408 9.94 11.09 28.97
N VAL A 409 10.33 11.85 27.95
CA VAL A 409 11.52 11.54 27.17
C VAL A 409 12.50 12.72 27.12
N TRP A 410 12.28 13.75 27.93
CA TRP A 410 13.25 14.82 28.04
C TRP A 410 14.58 14.28 28.58
N PHE A 411 15.59 15.14 28.57
CA PHE A 411 16.84 14.78 29.23
C PHE A 411 16.59 14.51 30.70
N GLY A 412 17.02 13.34 31.17
CA GLY A 412 16.80 12.94 32.54
C GLY A 412 15.44 12.35 32.82
N GLY A 413 14.60 12.16 31.81
CA GLY A 413 13.30 11.57 32.02
C GLY A 413 13.38 10.08 32.26
N ARG A 414 12.24 9.50 32.65
CA ARG A 414 12.21 8.08 32.98
C ARG A 414 12.59 7.22 31.77
N GLU A 415 12.03 7.53 30.61
CA GLU A 415 12.24 6.73 29.41
C GLU A 415 13.39 7.24 28.55
N HIS A 416 14.05 8.32 28.96
CA HIS A 416 15.03 8.96 28.09
C HIS A 416 16.13 7.98 27.68
N VAL A 417 16.74 7.30 28.65
CA VAL A 417 17.83 6.39 28.32
C VAL A 417 17.33 5.26 27.44
N LEU A 418 16.13 4.74 27.74
CA LEU A 418 15.61 3.62 26.97
C LEU A 418 15.41 3.99 25.51
N MET A 419 14.87 5.18 25.25
CA MET A 419 14.62 5.58 23.87
C MET A 419 15.91 5.62 23.07
N PHE A 420 16.95 6.25 23.63
CA PHE A 420 18.19 6.42 22.88
C PHE A 420 18.76 5.07 22.47
N ALA A 421 18.74 4.09 23.36
CA ALA A 421 19.24 2.77 23.01
C ALA A 421 18.43 2.17 21.89
N LYS A 422 17.10 2.34 21.92
CA LYS A 422 16.25 1.71 20.91
C LYS A 422 16.57 2.24 19.51
N LEU A 423 16.76 3.55 19.38
CA LEU A 423 17.07 4.13 18.08
C LEU A 423 18.52 3.89 17.70
N ALA A 424 19.43 3.96 18.66
CA ALA A 424 20.86 3.86 18.42
C ALA A 424 21.35 2.42 18.31
N LEU A 425 20.47 1.43 18.47
CA LEU A 425 20.89 0.04 18.36
C LEU A 425 21.38 -0.27 16.95
N TYR A 426 20.55 0.00 15.94
CA TYR A 426 20.95 -0.32 14.57
C TYR A 426 22.13 0.52 14.12
N PRO A 427 22.16 1.84 14.32
CA PRO A 427 23.35 2.60 13.94
C PRO A 427 24.63 2.07 14.58
N CYS A 428 24.57 1.70 15.86
CA CYS A 428 25.76 1.19 16.53
C CYS A 428 26.06 -0.24 16.10
N ALA A 429 25.03 -1.07 15.96
CA ALA A 429 25.24 -2.45 15.55
C ALA A 429 25.80 -2.52 14.13
N SER A 430 25.32 -1.66 13.25
CA SER A 430 25.76 -1.69 11.86
C SER A 430 27.25 -1.38 11.73
N LEU A 431 27.74 -0.39 12.46
CA LEU A 431 29.15 -0.04 12.36
C LEU A 431 30.04 -1.23 12.70
N LEU A 432 29.70 -1.96 13.76
CA LEU A 432 30.49 -3.12 14.14
C LEU A 432 30.52 -4.14 13.02
N ALA A 433 29.39 -4.38 12.37
CA ALA A 433 29.38 -5.28 11.23
C ALA A 433 30.29 -4.76 10.12
N PHE A 434 30.22 -3.46 9.83
CA PHE A 434 31.13 -2.87 8.86
C PHE A 434 32.57 -2.90 9.37
N ALA A 435 32.77 -2.54 10.64
CA ALA A 435 34.12 -2.52 11.18
C ALA A 435 34.75 -3.91 11.12
N SER A 436 34.01 -4.93 11.52
CA SER A 436 34.54 -6.29 11.47
C SER A 436 34.92 -6.67 10.04
N THR A 437 34.24 -6.08 9.05
CA THR A 437 34.57 -6.38 7.67
C THR A 437 35.99 -5.97 7.33
N CYS A 438 36.40 -4.77 7.76
CA CYS A 438 37.71 -4.26 7.40
C CYS A 438 38.81 -4.93 8.22
N LEU A 439 38.55 -5.23 9.49
CA LEU A 439 39.58 -5.74 10.38
C LEU A 439 39.71 -7.26 10.32
N LEU A 440 38.62 -7.97 10.63
CA LEU A 440 38.69 -9.43 10.68
C LEU A 440 38.87 -10.02 9.28
N SER A 441 37.92 -9.76 8.39
CA SER A 441 37.98 -10.12 6.97
C SER A 441 37.73 -11.61 6.73
N ARG A 442 37.60 -12.43 7.76
CA ARG A 442 37.28 -13.85 7.58
C ARG A 442 36.07 -14.30 8.39
N PHE A 443 35.86 -13.75 9.59
CA PHE A 443 34.64 -13.96 10.33
C PHE A 443 33.58 -12.90 10.02
N SER A 444 33.88 -11.99 9.09
CA SER A 444 32.97 -10.91 8.80
C SER A 444 31.61 -11.43 8.37
N VAL A 445 31.58 -12.35 7.39
CA VAL A 445 30.32 -12.89 6.93
C VAL A 445 29.58 -13.57 8.07
N GLY A 446 30.32 -14.32 8.90
CA GLY A 446 29.70 -14.98 10.03
C GLY A 446 29.11 -13.99 11.03
N ILE A 447 29.83 -12.89 11.28
CA ILE A 447 29.35 -11.90 12.23
C ILE A 447 28.04 -11.29 11.74
N PHE A 448 27.96 -10.99 10.43
CA PHE A 448 26.75 -10.38 9.90
C PHE A 448 25.55 -11.28 10.11
N HIS A 449 25.70 -12.58 9.82
CA HIS A 449 24.60 -13.52 10.03
C HIS A 449 24.23 -13.59 11.52
N LEU A 450 25.23 -13.70 12.39
CA LEU A 450 24.95 -13.74 13.81
C LEU A 450 24.28 -12.46 14.29
N MET A 451 24.75 -11.31 13.79
CA MET A 451 24.16 -10.04 14.17
C MET A 451 22.69 -9.99 13.77
N GLN A 452 22.35 -10.54 12.60
CA GLN A 452 20.97 -10.52 12.14
C GLN A 452 20.06 -11.28 13.10
N ILE A 453 20.56 -12.39 13.66
CA ILE A 453 19.76 -13.15 14.61
C ILE A 453 19.86 -12.55 16.01
N ALA A 454 20.81 -11.62 16.21
CA ALA A 454 21.02 -11.03 17.53
C ALA A 454 20.21 -9.77 17.77
N VAL A 455 20.05 -8.92 16.75
CA VAL A 455 19.33 -7.66 16.95
C VAL A 455 17.89 -7.90 17.37
N PRO A 456 17.13 -8.82 16.75
CA PRO A 456 15.75 -9.03 17.23
C PRO A 456 15.68 -9.40 18.69
N CYS A 457 16.63 -10.23 19.17
CA CYS A 457 16.64 -10.56 20.59
C CYS A 457 16.93 -9.33 21.44
N ALA A 458 17.85 -8.47 20.99
CA ALA A 458 18.15 -7.27 21.76
C ALA A 458 16.94 -6.35 21.84
N PHE A 459 16.18 -6.22 20.76
CA PHE A 459 14.96 -5.41 20.80
C PHE A 459 13.94 -6.02 21.74
N LEU A 460 13.83 -7.36 21.74
CA LEU A 460 12.88 -8.01 22.62
C LEU A 460 13.23 -7.77 24.09
N LEU A 461 14.51 -7.87 24.43
CA LEU A 461 14.98 -7.77 25.80
C LEU A 461 15.60 -6.41 26.10
N LEU A 462 15.21 -5.37 25.37
CA LEU A 462 15.86 -4.08 25.54
C LEU A 462 15.69 -3.55 26.95
N ARG A 463 14.49 -3.69 27.52
CA ARG A 463 14.24 -3.15 28.85
C ARG A 463 15.13 -3.82 29.89
N LEU A 464 15.29 -5.13 29.81
CA LEU A 464 16.18 -5.82 30.73
C LEU A 464 17.64 -5.45 30.46
N LEU A 465 18.03 -5.39 29.19
CA LEU A 465 19.42 -5.13 28.86
C LEU A 465 19.87 -3.76 29.35
N VAL A 466 19.04 -2.73 29.16
CA VAL A 466 19.42 -1.39 29.60
C VAL A 466 19.55 -1.35 31.11
N GLY A 467 18.66 -2.03 31.82
CA GLY A 467 18.74 -2.05 33.27
C GLY A 467 20.06 -2.64 33.76
N LEU A 468 20.49 -3.74 33.13
CA LEU A 468 21.77 -4.34 33.52
C LEU A 468 22.92 -3.39 33.26
N ALA A 469 22.92 -2.71 32.11
CA ALA A 469 24.01 -1.79 31.79
C ALA A 469 24.06 -0.64 32.78
N LEU A 470 22.90 -0.10 33.16
CA LEU A 470 22.87 1.00 34.12
C LEU A 470 23.47 0.58 35.45
N ALA A 471 23.12 -0.63 35.92
CA ALA A 471 23.66 -1.10 37.19
C ALA A 471 25.18 -1.24 37.13
N THR A 472 25.68 -1.79 36.02
CA THR A 472 27.13 -1.95 35.88
C THR A 472 27.84 -0.60 35.90
N LEU A 473 27.29 0.38 35.21
CA LEU A 473 27.90 1.71 35.18
C LEU A 473 27.78 2.39 36.55
N ILE B 30 2.44 0.72 28.61
CA ILE B 30 1.18 0.92 27.90
C ILE B 30 1.35 2.00 26.85
N GLN B 31 0.74 1.77 25.68
CA GLN B 31 0.80 2.71 24.58
C GLN B 31 -0.52 2.68 23.82
N CYS B 32 -0.82 3.76 23.12
CA CYS B 32 -2.00 3.80 22.28
C CYS B 32 -1.81 2.85 21.10
N SER B 33 -2.83 2.04 20.82
CA SER B 33 -2.73 1.01 19.80
C SER B 33 -3.18 1.48 18.43
N GLN B 34 -3.53 2.76 18.28
CA GLN B 34 -4.09 3.22 17.02
C GLN B 34 -3.11 2.98 15.86
N ARG B 35 -1.88 3.46 16.00
CA ARG B 35 -0.95 3.34 14.88
C ARG B 35 -0.54 1.90 14.64
N MET B 36 -0.28 1.15 15.71
CA MET B 36 0.16 -0.23 15.52
C MET B 36 -0.82 -1.00 14.65
N LEU B 37 -2.12 -0.72 14.81
CA LEU B 37 -3.11 -1.37 13.97
C LEU B 37 -3.12 -0.77 12.57
N SER B 38 -3.03 0.56 12.46
CA SER B 38 -3.01 1.19 11.15
C SER B 38 -1.94 0.56 10.26
N PHE B 39 -0.74 0.35 10.82
CA PHE B 39 0.28 -0.41 10.11
C PHE B 39 -0.18 -1.84 9.86
N SER B 40 -0.94 -2.41 10.81
CA SER B 40 -1.34 -3.80 10.67
C SER B 40 -2.21 -4.00 9.44
N ASP B 41 -3.17 -3.10 9.20
CA ASP B 41 -4.01 -3.22 8.01
C ASP B 41 -3.28 -2.77 6.76
N ALA B 42 -2.26 -1.92 6.91
CA ALA B 42 -1.46 -1.52 5.75
C ALA B 42 -0.75 -2.73 5.16
N LEU B 43 -0.31 -3.65 6.01
CA LEU B 43 0.30 -4.88 5.50
C LEU B 43 -0.75 -5.82 4.93
N LEU B 44 -1.87 -5.99 5.61
CA LEU B 44 -2.86 -6.97 5.17
C LEU B 44 -3.42 -6.63 3.80
N SER B 45 -3.77 -5.36 3.57
CA SER B 45 -4.26 -4.97 2.26
C SER B 45 -3.24 -5.27 1.19
N ILE B 46 -1.95 -5.15 1.52
CA ILE B 46 -0.91 -5.54 0.58
C ILE B 46 -0.94 -7.04 0.34
N ILE B 47 -1.12 -7.82 1.41
CA ILE B 47 -1.05 -9.27 1.28
C ILE B 47 -2.30 -9.82 0.63
N ALA B 48 -3.47 -9.30 0.98
CA ALA B 48 -4.71 -9.85 0.46
C ALA B 48 -4.76 -9.73 -1.06
N THR B 49 -4.36 -8.59 -1.59
CA THR B 49 -4.43 -8.31 -3.02
C THR B 49 -3.15 -8.69 -3.77
N VAL B 50 -2.28 -9.49 -3.15
CA VAL B 50 -1.04 -9.88 -3.80
C VAL B 50 -1.31 -10.66 -5.08
N MET B 51 -2.28 -11.58 -5.03
CA MET B 51 -2.50 -12.49 -6.14
C MET B 51 -3.25 -11.85 -7.30
N ILE B 52 -3.67 -10.59 -7.19
CA ILE B 52 -4.22 -9.89 -8.35
C ILE B 52 -3.15 -9.61 -9.39
N LEU B 53 -1.89 -9.46 -8.98
CA LEU B 53 -0.85 -9.09 -9.93
C LEU B 53 -0.68 -10.11 -11.04
N PRO B 54 -0.61 -11.41 -10.76
CA PRO B 54 -0.57 -12.39 -11.87
C PRO B 54 -1.78 -12.29 -12.77
N VAL B 55 -2.95 -11.91 -12.25
CA VAL B 55 -4.14 -11.82 -13.07
C VAL B 55 -3.97 -10.75 -14.14
N THR B 56 -3.56 -9.55 -13.74
CA THR B 56 -3.48 -8.44 -14.68
C THR B 56 -2.29 -8.53 -15.62
N HIS B 57 -1.27 -9.32 -15.27
CA HIS B 57 -0.07 -9.43 -16.09
C HIS B 57 -0.19 -10.48 -17.17
N THR B 58 -1.29 -11.25 -17.21
CA THR B 58 -1.47 -12.22 -18.27
C THR B 58 -1.52 -11.52 -19.61
N GLU B 59 -0.91 -12.15 -20.62
CA GLU B 59 -0.85 -11.57 -21.95
C GLU B 59 -1.85 -12.26 -22.86
N ILE B 60 -2.64 -11.47 -23.57
CA ILE B 60 -3.65 -12.00 -24.48
C ILE B 60 -2.98 -12.59 -25.71
N ASP B 67 -6.18 -19.22 -27.79
CA ASP B 67 -7.03 -18.40 -26.94
C ASP B 67 -7.68 -19.23 -25.86
N ARG B 68 -8.03 -20.47 -26.20
CA ARG B 68 -8.68 -21.35 -25.24
C ARG B 68 -7.78 -21.62 -24.04
N SER B 69 -6.50 -21.88 -24.29
CA SER B 69 -5.57 -22.12 -23.19
C SER B 69 -5.45 -20.89 -22.30
N VAL B 70 -5.40 -19.70 -22.90
CA VAL B 70 -5.31 -18.47 -22.13
C VAL B 70 -6.55 -18.33 -21.23
N GLN B 71 -7.73 -18.61 -21.79
CA GLN B 71 -8.95 -18.50 -21.00
C GLN B 71 -8.92 -19.43 -19.80
N ARG B 72 -8.50 -20.68 -20.01
CA ARG B 72 -8.41 -21.60 -18.88
C ARG B 72 -7.39 -21.12 -17.87
N LEU B 73 -6.23 -20.64 -18.33
CA LEU B 73 -5.24 -20.10 -17.41
C LEU B 73 -5.78 -18.86 -16.69
N LEU B 74 -6.47 -17.99 -17.42
CA LEU B 74 -6.97 -16.77 -16.79
C LEU B 74 -8.01 -17.10 -15.72
N ALA B 75 -8.85 -18.10 -15.97
CA ALA B 75 -9.88 -18.47 -15.01
C ALA B 75 -9.26 -18.95 -13.70
N THR B 76 -8.31 -19.88 -13.80
CA THR B 76 -7.70 -20.42 -12.58
C THR B 76 -6.97 -19.34 -11.79
N ARG B 77 -6.31 -18.42 -12.49
CA ARG B 77 -5.68 -17.30 -11.80
C ARG B 77 -6.71 -16.45 -11.08
N ILE B 78 -7.85 -16.20 -11.72
CA ILE B 78 -8.91 -15.45 -11.07
C ILE B 78 -9.46 -16.21 -9.88
N ALA B 79 -9.68 -17.51 -10.05
CA ALA B 79 -10.19 -18.32 -8.93
C ALA B 79 -9.22 -18.30 -7.76
N VAL B 80 -7.92 -18.43 -8.03
CA VAL B 80 -6.93 -18.40 -6.96
C VAL B 80 -6.92 -17.04 -6.28
N TYR B 81 -7.17 -15.98 -7.05
CA TYR B 81 -7.17 -14.64 -6.45
C TYR B 81 -8.31 -14.50 -5.45
N LEU B 82 -9.51 -14.91 -5.84
CA LEU B 82 -10.65 -14.75 -4.94
C LEU B 82 -10.48 -15.59 -3.68
N MET B 83 -9.98 -16.80 -3.82
CA MET B 83 -9.76 -17.65 -2.64
C MET B 83 -8.75 -17.00 -1.70
N THR B 84 -7.59 -16.60 -2.22
CA THR B 84 -6.56 -16.04 -1.36
C THR B 84 -7.00 -14.70 -0.77
N PHE B 85 -7.93 -14.02 -1.42
CA PHE B 85 -8.43 -12.77 -0.84
C PHE B 85 -9.29 -13.03 0.38
N LEU B 86 -10.13 -14.06 0.32
CA LEU B 86 -11.00 -14.36 1.45
C LEU B 86 -10.22 -14.97 2.60
N ILE B 87 -9.28 -15.87 2.29
CA ILE B 87 -8.48 -16.49 3.35
C ILE B 87 -7.75 -15.42 4.15
N VAL B 88 -7.05 -14.52 3.46
CA VAL B 88 -6.37 -13.45 4.17
C VAL B 88 -7.36 -12.59 4.93
N THR B 89 -8.55 -12.37 4.36
CA THR B 89 -9.54 -11.52 5.02
C THR B 89 -10.01 -12.14 6.33
N VAL B 90 -10.14 -13.47 6.37
CA VAL B 90 -10.48 -14.13 7.63
C VAL B 90 -9.36 -13.91 8.65
N ALA B 91 -8.11 -14.06 8.22
CA ALA B 91 -6.99 -13.81 9.11
C ALA B 91 -6.99 -12.37 9.58
N TRP B 92 -7.30 -11.43 8.68
CA TRP B 92 -7.46 -10.05 9.11
C TRP B 92 -8.61 -9.92 10.10
N ALA B 93 -9.73 -10.62 9.84
CA ALA B 93 -10.86 -10.53 10.74
C ALA B 93 -10.51 -11.01 12.13
N ALA B 94 -9.77 -12.13 12.23
CA ALA B 94 -9.36 -12.61 13.54
C ALA B 94 -8.50 -11.57 14.25
N HIS B 95 -7.57 -10.94 13.52
CA HIS B 95 -6.75 -9.90 14.13
C HIS B 95 -7.62 -8.75 14.64
N THR B 96 -8.62 -8.35 13.86
CA THR B 96 -9.48 -7.25 14.31
C THR B 96 -10.17 -7.61 15.61
N ARG B 97 -10.71 -8.83 15.71
CA ARG B 97 -11.34 -9.27 16.95
C ARG B 97 -10.31 -9.44 18.05
N LEU B 98 -9.14 -9.99 17.72
CA LEU B 98 -8.14 -10.30 18.74
C LEU B 98 -7.67 -9.04 19.45
N PHE B 99 -7.39 -7.99 18.70
CA PHE B 99 -6.91 -6.75 19.30
C PHE B 99 -8.05 -5.85 19.75
N GLN B 100 -9.30 -6.27 19.57
CA GLN B 100 -10.41 -5.58 20.22
C GLN B 100 -10.47 -5.90 21.70
N VAL B 101 -9.89 -7.03 22.12
CA VAL B 101 -9.79 -7.36 23.54
C VAL B 101 -8.61 -6.66 24.21
N VAL B 102 -7.47 -6.60 23.53
CA VAL B 102 -6.25 -6.03 24.09
C VAL B 102 -6.32 -4.53 23.81
N GLY B 103 -6.86 -3.78 24.78
CA GLY B 103 -7.18 -2.38 24.53
C GLY B 103 -5.95 -1.56 24.13
N LYS B 104 -4.86 -1.75 24.84
CA LYS B 104 -3.63 -0.99 24.62
C LYS B 104 -2.51 -1.94 24.22
N THR B 105 -1.35 -1.36 23.89
CA THR B 105 -0.21 -2.14 23.46
C THR B 105 1.05 -1.59 24.13
N ASP B 106 2.04 -2.46 24.29
CA ASP B 106 3.32 -2.08 24.87
C ASP B 106 4.42 -2.57 23.94
N ASP B 107 5.67 -2.43 24.39
CA ASP B 107 6.80 -2.74 23.53
C ASP B 107 6.80 -4.22 23.15
N THR B 108 6.52 -5.10 24.09
CA THR B 108 6.60 -6.53 23.81
C THR B 108 5.53 -6.97 22.81
N LEU B 109 4.31 -6.46 22.95
CA LEU B 109 3.24 -6.87 22.05
C LEU B 109 3.51 -6.43 20.62
N ALA B 110 4.12 -5.25 20.45
CA ALA B 110 4.44 -4.78 19.11
C ALA B 110 5.35 -5.75 18.39
N LEU B 111 6.36 -6.28 19.09
CA LEU B 111 7.24 -7.27 18.48
C LEU B 111 6.46 -8.52 18.09
N LEU B 112 5.61 -9.02 18.99
CA LEU B 112 4.82 -10.21 18.68
C LEU B 112 3.87 -9.94 17.53
N ASN B 113 3.25 -8.77 17.51
CA ASN B 113 2.38 -8.39 16.40
C ASN B 113 3.11 -8.54 15.07
N LEU B 114 4.36 -8.08 15.01
CA LEU B 114 5.13 -8.22 13.77
C LEU B 114 5.27 -9.68 13.39
N ALA B 115 5.55 -10.55 14.36
CA ALA B 115 5.68 -11.97 14.06
C ALA B 115 4.39 -12.54 13.49
N CYS B 116 3.24 -12.05 13.98
CA CYS B 116 1.97 -12.48 13.41
C CYS B 116 1.85 -12.06 11.95
N MET B 117 2.13 -10.78 11.66
CA MET B 117 2.02 -10.32 10.29
C MET B 117 3.02 -11.04 9.40
N MET B 118 4.23 -11.25 9.89
CA MET B 118 5.20 -12.04 9.15
C MET B 118 4.68 -13.44 8.87
N THR B 119 3.78 -13.93 9.73
CA THR B 119 3.24 -15.27 9.55
C THR B 119 2.14 -15.31 8.50
N ILE B 120 1.34 -14.24 8.43
CA ILE B 120 0.22 -14.22 7.49
C ILE B 120 0.71 -13.99 6.06
N THR B 121 1.91 -13.44 5.90
CA THR B 121 2.38 -13.06 4.57
C THR B 121 2.67 -14.28 3.71
N PHE B 122 2.63 -15.48 4.30
CA PHE B 122 2.91 -16.70 3.57
C PHE B 122 1.66 -17.39 3.03
N LEU B 123 0.48 -16.99 3.51
CA LEU B 123 -0.74 -17.66 3.06
C LEU B 123 -0.94 -17.57 1.55
N PRO B 124 -0.82 -16.41 0.92
CA PRO B 124 -1.00 -16.37 -0.55
C PRO B 124 -0.07 -17.31 -1.29
N TYR B 125 1.20 -17.40 -0.89
CA TYR B 125 2.10 -18.31 -1.59
C TYR B 125 1.78 -19.76 -1.27
N THR B 126 1.58 -20.08 0.00
CA THR B 126 1.34 -21.46 0.38
C THR B 126 0.07 -22.00 -0.28
N PHE B 127 -0.98 -21.18 -0.32
CA PHE B 127 -2.22 -21.62 -0.96
C PHE B 127 -2.00 -21.92 -2.43
N SER B 128 -1.27 -21.05 -3.13
CA SER B 128 -1.03 -21.26 -4.56
C SER B 128 -0.29 -22.56 -4.81
N LEU B 129 0.68 -22.87 -3.94
CA LEU B 129 1.38 -24.14 -4.06
C LEU B 129 0.42 -25.31 -3.86
N MET B 130 -0.46 -25.21 -2.86
CA MET B 130 -1.39 -26.30 -2.58
C MET B 130 -2.28 -26.58 -3.79
N VAL B 131 -2.92 -25.54 -4.33
CA VAL B 131 -3.86 -25.76 -5.43
C VAL B 131 -3.13 -26.32 -6.64
N THR B 132 -1.98 -25.75 -6.98
CA THR B 132 -1.23 -26.23 -8.14
C THR B 132 -0.76 -27.67 -7.96
N PHE B 133 -0.62 -28.14 -6.72
CA PHE B 133 -0.11 -29.47 -6.40
C PHE B 133 -1.05 -30.16 -5.43
N PRO B 134 -2.23 -30.57 -5.90
CA PRO B 134 -3.16 -31.25 -5.00
C PRO B 134 -2.73 -32.67 -4.64
N ASP B 135 -2.04 -33.35 -5.55
CA ASP B 135 -1.63 -34.73 -5.28
C ASP B 135 -0.55 -34.83 -4.21
N VAL B 136 0.45 -33.94 -4.26
CA VAL B 136 1.57 -34.02 -3.33
C VAL B 136 1.10 -33.62 -1.95
N PRO B 137 1.26 -34.47 -0.92
CA PRO B 137 0.80 -34.11 0.42
C PRO B 137 1.61 -33.00 1.07
N LEU B 138 2.80 -32.70 0.54
CA LEU B 138 3.61 -31.64 1.13
C LEU B 138 2.89 -30.30 1.06
N GLY B 139 2.18 -30.04 -0.04
CA GLY B 139 1.53 -28.74 -0.20
C GLY B 139 0.54 -28.46 0.90
N ILE B 140 -0.34 -29.42 1.19
CA ILE B 140 -1.31 -29.20 2.27
C ILE B 140 -0.60 -29.07 3.61
N PHE B 141 0.50 -29.79 3.79
CA PHE B 141 1.23 -29.72 5.05
C PHE B 141 1.75 -28.31 5.30
N LEU B 142 2.33 -27.68 4.27
CA LEU B 142 2.79 -26.31 4.43
C LEU B 142 1.63 -25.38 4.75
N PHE B 143 0.50 -25.55 4.05
CA PHE B 143 -0.67 -24.73 4.32
C PHE B 143 -1.15 -24.92 5.75
N CYS B 144 -1.19 -26.18 6.22
CA CYS B 144 -1.58 -26.43 7.60
C CYS B 144 -0.59 -25.82 8.57
N VAL B 145 0.71 -25.97 8.29
CA VAL B 145 1.73 -25.42 9.18
C VAL B 145 1.56 -23.92 9.32
N CYS B 146 1.31 -23.22 8.20
CA CYS B 146 1.17 -21.77 8.27
C CYS B 146 -0.02 -21.37 9.14
N VAL B 147 -1.16 -22.04 8.97
CA VAL B 147 -2.33 -21.69 9.76
C VAL B 147 -2.06 -21.93 11.24
N ILE B 148 -1.43 -23.04 11.57
CA ILE B 148 -1.08 -23.31 12.96
C ILE B 148 -0.13 -22.23 13.47
N ALA B 149 0.82 -21.81 12.64
CA ALA B 149 1.76 -20.78 13.06
C ALA B 149 1.04 -19.49 13.41
N ILE B 150 0.04 -19.11 12.62
CA ILE B 150 -0.75 -17.92 12.94
C ILE B 150 -1.46 -18.10 14.27
N GLY B 151 -2.03 -19.28 14.49
CA GLY B 151 -2.71 -19.52 15.76
C GLY B 151 -1.76 -19.45 16.95
N VAL B 152 -0.59 -20.07 16.83
CA VAL B 152 0.35 -20.09 17.94
C VAL B 152 0.77 -18.68 18.32
N VAL B 153 1.08 -17.85 17.32
CA VAL B 153 1.49 -16.48 17.62
C VAL B 153 0.36 -15.72 18.30
N GLN B 154 -0.87 -15.87 17.80
CA GLN B 154 -1.99 -15.22 18.44
C GLN B 154 -2.22 -15.75 19.84
N ALA B 155 -2.06 -17.07 20.02
CA ALA B 155 -2.21 -17.64 21.36
C ALA B 155 -1.23 -17.01 22.33
N LEU B 156 0.02 -16.78 21.88
CA LEU B 156 0.99 -16.10 22.71
C LEU B 156 0.54 -14.67 23.02
N ILE B 157 -0.01 -13.98 22.02
CA ILE B 157 -0.41 -12.60 22.22
C ILE B 157 -1.49 -12.50 23.30
N VAL B 158 -2.52 -13.35 23.22
CA VAL B 158 -3.59 -13.29 24.20
C VAL B 158 -3.07 -13.67 25.58
N GLY B 159 -2.21 -14.67 25.65
CA GLY B 159 -1.66 -15.06 26.94
C GLY B 159 -0.92 -13.93 27.62
N TYR B 160 -0.11 -13.19 26.85
CA TYR B 160 0.63 -12.07 27.42
C TYR B 160 -0.32 -11.03 28.00
N ALA B 161 -1.43 -10.76 27.31
CA ALA B 161 -2.36 -9.74 27.78
C ALA B 161 -2.96 -10.11 29.13
N PHE B 162 -3.43 -11.36 29.28
CA PHE B 162 -4.01 -11.77 30.55
C PHE B 162 -2.99 -11.71 31.67
N HIS B 163 -1.73 -12.08 31.38
CA HIS B 163 -0.70 -12.03 32.42
C HIS B 163 -0.57 -10.62 32.98
N PHE B 164 -0.94 -9.61 32.19
CA PHE B 164 -0.90 -8.21 32.60
C PHE B 164 -2.28 -7.59 32.42
N PRO B 165 -3.12 -7.56 33.46
CA PRO B 165 -4.49 -7.06 33.26
C PRO B 165 -4.56 -5.64 32.73
N HIS B 166 -3.61 -4.79 33.08
CA HIS B 166 -3.69 -3.39 32.66
C HIS B 166 -3.59 -3.23 31.15
N LEU B 167 -3.20 -4.27 30.41
CA LEU B 167 -3.15 -4.24 28.96
C LEU B 167 -4.47 -4.63 28.32
N LEU B 168 -5.50 -4.93 29.10
CA LEU B 168 -6.77 -5.37 28.56
C LEU B 168 -7.73 -4.20 28.41
N SER B 169 -8.77 -4.42 27.60
CA SER B 169 -9.79 -3.41 27.41
C SER B 169 -10.62 -3.25 28.69
N PRO B 170 -11.13 -2.05 28.97
CA PRO B 170 -11.88 -1.86 30.21
C PRO B 170 -13.08 -2.78 30.35
N GLN B 171 -13.71 -3.15 29.23
CA GLN B 171 -14.85 -4.07 29.31
C GLN B 171 -14.42 -5.42 29.85
N ILE B 172 -13.26 -5.92 29.40
CA ILE B 172 -12.80 -7.24 29.82
C ILE B 172 -12.01 -7.18 31.12
N GLN B 173 -11.38 -6.05 31.43
CA GLN B 173 -10.60 -5.93 32.66
C GLN B 173 -11.50 -6.04 33.89
N GLU B 254 -19.89 -9.00 18.62
CA GLU B 254 -20.41 -9.14 17.27
C GLU B 254 -19.99 -7.98 16.38
N PRO B 255 -20.24 -6.75 16.82
CA PRO B 255 -19.87 -5.60 15.99
C PRO B 255 -18.38 -5.57 15.69
N LEU B 256 -18.04 -5.16 14.48
CA LEU B 256 -16.65 -4.96 14.08
C LEU B 256 -16.23 -3.53 14.36
N SER B 257 -14.97 -3.36 14.73
CA SER B 257 -14.42 -2.03 14.89
C SER B 257 -14.47 -1.28 13.57
N LYS B 258 -14.96 -0.04 13.60
CA LYS B 258 -15.17 0.69 12.36
C LYS B 258 -13.85 1.10 11.72
N GLU B 259 -12.88 1.53 12.53
CA GLU B 259 -11.62 2.01 11.98
C GLU B 259 -10.90 0.91 11.20
N ARG B 260 -10.87 -0.30 11.72
CA ARG B 260 -10.19 -1.38 11.03
C ARG B 260 -10.83 -1.68 9.69
N VAL B 261 -12.16 -1.61 9.61
CA VAL B 261 -12.84 -1.77 8.33
C VAL B 261 -12.48 -0.62 7.41
N GLU B 262 -12.46 0.60 7.93
CA GLU B 262 -12.10 1.75 7.11
C GLU B 262 -10.65 1.65 6.62
N ALA B 263 -9.72 1.39 7.54
CA ALA B 263 -8.30 1.39 7.18
C ALA B 263 -8.00 0.30 6.15
N PHE B 264 -8.57 -0.89 6.34
CA PHE B 264 -8.37 -1.95 5.36
C PHE B 264 -8.96 -1.56 4.01
N SER B 265 -10.15 -0.97 4.01
CA SER B 265 -10.78 -0.60 2.74
C SER B 265 -9.95 0.46 2.02
N ASP B 266 -9.48 1.48 2.75
CA ASP B 266 -8.66 2.51 2.11
C ASP B 266 -7.46 1.90 1.43
N GLY B 267 -6.76 1.00 2.11
CA GLY B 267 -5.60 0.37 1.51
C GLY B 267 -5.96 -0.40 0.26
N VAL B 268 -6.98 -1.26 0.34
CA VAL B 268 -7.30 -2.13 -0.77
C VAL B 268 -7.61 -1.31 -2.02
N TYR B 269 -8.32 -0.19 -1.85
CA TYR B 269 -8.64 0.65 -2.99
C TYR B 269 -7.39 1.29 -3.58
N ALA B 270 -6.48 1.75 -2.72
CA ALA B 270 -5.29 2.45 -3.21
C ALA B 270 -4.43 1.54 -4.08
N ILE B 271 -4.19 0.30 -3.64
CA ILE B 271 -3.46 -0.64 -4.48
C ILE B 271 -4.23 -0.89 -5.78
N VAL B 272 -5.53 -1.11 -5.68
CA VAL B 272 -6.31 -1.47 -6.86
C VAL B 272 -6.39 -0.29 -7.82
N ALA B 273 -6.53 0.93 -7.30
CA ALA B 273 -6.62 2.09 -8.17
C ALA B 273 -5.34 2.27 -8.97
N THR B 274 -4.19 2.07 -8.33
CA THR B 274 -2.90 2.37 -8.95
C THR B 274 -2.15 1.14 -9.47
N LEU B 275 -2.82 -0.01 -9.60
CA LEU B 275 -2.14 -1.18 -10.15
C LEU B 275 -1.58 -0.89 -11.54
N LEU B 276 -2.41 -0.34 -12.42
CA LEU B 276 -2.04 -0.25 -13.82
C LEU B 276 -0.86 0.70 -14.03
N ILE B 277 -0.84 1.82 -13.29
CA ILE B 277 0.24 2.79 -13.47
C ILE B 277 1.58 2.18 -13.07
N LEU B 278 1.62 1.44 -11.96
CA LEU B 278 2.87 0.80 -11.56
C LEU B 278 3.42 -0.05 -12.70
N ASP B 279 2.54 -0.69 -13.47
CA ASP B 279 2.98 -1.42 -14.65
C ASP B 279 3.48 -0.46 -15.73
N ILE B 280 2.82 0.69 -15.87
CA ILE B 280 3.23 1.66 -16.88
C ILE B 280 4.59 2.25 -16.54
N CYS B 281 4.77 2.66 -15.28
CA CYS B 281 6.01 3.29 -14.86
C CYS B 281 7.21 2.37 -15.05
N GLU B 282 7.00 1.06 -15.10
CA GLU B 282 8.08 0.09 -15.18
C GLU B 282 8.27 -0.48 -16.58
N ASP B 283 7.23 -1.02 -17.19
CA ASP B 283 7.37 -1.76 -18.43
C ASP B 283 7.11 -0.90 -19.66
N ASN B 284 6.41 0.22 -19.49
CA ASN B 284 6.04 1.06 -20.63
C ASN B 284 6.77 2.39 -20.62
N VAL B 285 8.05 2.36 -20.29
CA VAL B 285 8.95 3.50 -20.50
C VAL B 285 9.77 3.19 -21.75
N PRO B 286 9.65 3.98 -22.82
CA PRO B 286 10.35 3.64 -24.06
C PRO B 286 11.85 3.55 -23.83
N ASP B 287 12.48 2.57 -24.49
CA ASP B 287 13.92 2.44 -24.46
C ASP B 287 14.51 3.15 -25.68
N PRO B 288 15.61 3.89 -25.54
CA PRO B 288 16.09 4.70 -26.68
C PRO B 288 16.32 3.90 -27.96
N LYS B 289 16.86 2.69 -27.85
CA LYS B 289 17.20 1.94 -29.05
C LYS B 289 15.97 1.66 -29.91
N ASP B 290 14.87 1.24 -29.29
CA ASP B 290 13.66 0.98 -30.06
C ASP B 290 13.14 2.26 -30.71
N VAL B 291 13.25 3.38 -30.01
CA VAL B 291 12.81 4.65 -30.57
C VAL B 291 13.50 4.92 -31.89
N LYS B 292 14.81 4.62 -31.96
CA LYS B 292 15.56 4.88 -33.17
C LYS B 292 15.17 3.91 -34.28
N GLU B 293 14.81 2.67 -33.93
CA GLU B 293 14.60 1.63 -34.92
C GLU B 293 13.17 1.55 -35.41
N ARG B 294 12.22 1.31 -34.50
CA ARG B 294 10.83 1.06 -34.89
C ARG B 294 9.95 2.29 -34.83
N PHE B 295 10.53 3.48 -34.62
CA PHE B 295 9.76 4.72 -34.63
C PHE B 295 10.47 5.85 -35.34
N SER B 296 11.53 5.56 -36.10
CA SER B 296 12.24 6.55 -36.89
C SER B 296 12.73 7.71 -36.02
N GLY B 297 13.10 7.42 -34.78
CA GLY B 297 13.65 8.44 -33.91
C GLY B 297 12.66 9.46 -33.39
N SER B 298 11.36 9.19 -33.53
CA SER B 298 10.32 10.11 -33.07
C SER B 298 9.80 9.60 -31.73
N LEU B 299 10.05 10.37 -30.67
CA LEU B 299 9.56 9.98 -29.35
C LEU B 299 8.04 9.97 -29.31
N VAL B 300 7.40 10.94 -29.96
CA VAL B 300 5.94 11.04 -29.93
C VAL B 300 5.32 9.74 -30.43
N ALA B 301 5.90 9.18 -31.51
CA ALA B 301 5.37 7.93 -32.04
C ALA B 301 5.45 6.82 -31.00
N ALA B 302 6.55 6.76 -30.25
CA ALA B 302 6.69 5.74 -29.22
C ALA B 302 5.64 5.91 -28.14
N LEU B 303 5.40 7.15 -27.70
CA LEU B 303 4.35 7.39 -26.72
C LEU B 303 2.98 7.02 -27.27
N SER B 304 2.73 7.36 -28.54
CA SER B 304 1.43 7.09 -29.14
C SER B 304 1.12 5.60 -29.14
N ALA B 305 2.11 4.75 -29.49
CA ALA B 305 1.87 3.32 -29.50
C ALA B 305 1.48 2.79 -28.14
N THR B 306 1.81 3.51 -27.07
CA THR B 306 1.41 3.14 -25.72
C THR B 306 0.10 3.77 -25.28
N GLY B 307 -0.55 4.54 -26.17
CA GLY B 307 -1.75 5.25 -25.80
C GLY B 307 -2.86 4.39 -25.24
N PRO B 308 -3.14 3.23 -25.82
CA PRO B 308 -4.21 2.39 -25.26
C PRO B 308 -4.01 2.06 -23.80
N ARG B 309 -2.76 1.82 -23.39
CA ARG B 309 -2.50 1.47 -22.00
C ARG B 309 -2.75 2.64 -21.07
N PHE B 310 -2.55 3.87 -21.55
CA PHE B 310 -2.77 5.04 -20.71
C PHE B 310 -4.25 5.31 -20.52
N LEU B 311 -5.07 5.05 -21.55
CA LEU B 311 -6.51 5.23 -21.39
C LEU B 311 -7.06 4.28 -20.34
N ALA B 312 -6.58 3.04 -20.31
CA ALA B 312 -7.05 2.09 -19.33
C ALA B 312 -6.82 2.60 -17.91
N TYR B 313 -5.64 3.16 -17.64
CA TYR B 313 -5.37 3.68 -16.31
C TYR B 313 -6.32 4.81 -15.96
N PHE B 314 -6.57 5.71 -16.91
CA PHE B 314 -7.46 6.84 -16.64
C PHE B 314 -8.85 6.35 -16.25
N GLY B 315 -9.38 5.38 -16.99
CA GLY B 315 -10.68 4.82 -16.64
C GLY B 315 -10.64 4.05 -15.34
N SER B 316 -9.59 3.26 -15.13
CA SER B 316 -9.51 2.43 -13.94
C SER B 316 -9.44 3.28 -12.67
N PHE B 317 -8.65 4.35 -12.70
CA PHE B 317 -8.57 5.23 -11.55
C PHE B 317 -9.89 5.95 -11.32
N ALA B 318 -10.53 6.42 -12.38
CA ALA B 318 -11.78 7.16 -12.24
C ALA B 318 -12.86 6.29 -11.62
N THR B 319 -12.95 5.03 -12.07
CA THR B 319 -13.94 4.12 -11.49
C THR B 319 -13.63 3.85 -10.03
N VAL B 320 -12.49 3.21 -9.76
CA VAL B 320 -12.14 2.87 -8.39
C VAL B 320 -11.99 4.13 -7.55
N GLY B 321 -11.65 5.24 -8.19
CA GLY B 321 -11.60 6.51 -7.48
C GLY B 321 -12.97 6.97 -7.01
N LEU B 322 -14.01 6.72 -7.82
CA LEU B 322 -15.35 7.15 -7.43
C LEU B 322 -16.04 6.10 -6.58
N LEU B 323 -15.83 4.82 -6.86
CA LEU B 323 -16.38 3.79 -6.00
C LEU B 323 -15.99 4.04 -4.55
N TRP B 324 -14.74 4.44 -4.32
CA TRP B 324 -14.31 4.79 -2.98
C TRP B 324 -15.07 6.00 -2.46
N PHE B 325 -15.32 6.99 -3.32
CA PHE B 325 -16.01 8.19 -2.87
C PHE B 325 -17.40 7.86 -2.34
N ALA B 326 -18.10 6.93 -2.99
CA ALA B 326 -19.35 6.44 -2.43
C ALA B 326 -19.11 5.75 -1.08
N HIS B 327 -18.05 4.95 -1.00
CA HIS B 327 -17.72 4.29 0.25
C HIS B 327 -17.34 5.30 1.33
N HIS B 328 -16.59 6.34 0.97
CA HIS B 328 -16.16 7.34 1.95
C HIS B 328 -17.35 8.05 2.56
N SER B 329 -18.36 8.39 1.75
CA SER B 329 -19.53 9.07 2.26
C SER B 329 -20.47 8.12 3.00
N LEU B 330 -20.45 6.84 2.62
CA LEU B 330 -21.28 5.87 3.32
C LEU B 330 -20.82 5.68 4.76
N PHE B 331 -19.53 5.43 4.96
CA PHE B 331 -19.01 5.08 6.27
C PHE B 331 -18.81 6.29 7.17
N LEU B 332 -19.11 7.48 6.69
CA LEU B 332 -19.06 8.64 7.58
C LEU B 332 -20.31 8.67 8.47
N HIS B 333 -21.43 8.15 7.99
CA HIS B 333 -22.67 8.14 8.75
C HIS B 333 -22.96 6.80 9.42
N VAL B 334 -22.01 5.87 9.40
CA VAL B 334 -22.19 4.56 10.01
C VAL B 334 -21.72 4.60 11.45
N ARG B 335 -22.65 4.40 12.39
CA ARG B 335 -22.32 4.44 13.81
C ARG B 335 -21.52 3.21 14.23
N LYS B 336 -21.95 2.03 13.77
CA LYS B 336 -21.37 0.78 14.25
C LYS B 336 -21.54 -0.28 13.18
N ALA B 337 -20.43 -0.75 12.61
CA ALA B 337 -20.51 -1.81 11.62
C ALA B 337 -21.06 -3.08 12.25
N THR B 338 -21.27 -4.08 11.41
CA THR B 338 -21.78 -5.38 11.82
C THR B 338 -21.13 -6.46 10.98
N ARG B 339 -21.18 -7.70 11.48
CA ARG B 339 -20.55 -8.80 10.77
C ARG B 339 -21.08 -8.91 9.35
N ALA B 340 -22.39 -8.74 9.17
CA ALA B 340 -22.97 -8.82 7.84
C ALA B 340 -22.41 -7.73 6.93
N MET B 341 -22.33 -6.49 7.44
CA MET B 341 -21.80 -5.40 6.64
C MET B 341 -20.34 -5.66 6.26
N GLY B 342 -19.54 -6.13 7.21
CA GLY B 342 -18.16 -6.44 6.91
C GLY B 342 -18.01 -7.50 5.85
N LEU B 343 -18.86 -8.54 5.90
CA LEU B 343 -18.74 -9.62 4.94
C LEU B 343 -19.06 -9.14 3.53
N LEU B 344 -20.11 -8.34 3.38
CA LEU B 344 -20.42 -7.77 2.06
C LEU B 344 -19.29 -6.85 1.62
N ASN B 345 -18.81 -5.99 2.52
CA ASN B 345 -17.68 -5.13 2.21
C ASN B 345 -16.52 -5.93 1.65
N THR B 346 -16.25 -7.09 2.25
CA THR B 346 -15.21 -7.97 1.71
C THR B 346 -15.54 -8.39 0.29
N LEU B 347 -16.80 -8.74 0.04
CA LEU B 347 -17.20 -9.12 -1.31
C LEU B 347 -17.17 -7.93 -2.25
N SER B 348 -17.45 -6.73 -1.72
CA SER B 348 -17.33 -5.53 -2.54
C SER B 348 -15.89 -5.32 -3.00
N LEU B 349 -14.92 -5.47 -2.09
CA LEU B 349 -13.53 -5.24 -2.45
C LEU B 349 -12.97 -6.37 -3.29
N ALA B 350 -13.47 -7.59 -3.09
CA ALA B 350 -12.94 -8.72 -3.85
C ALA B 350 -13.17 -8.52 -5.34
N PHE B 351 -14.34 -8.01 -5.71
CA PHE B 351 -14.63 -7.76 -7.11
C PHE B 351 -13.97 -6.49 -7.62
N VAL B 352 -13.83 -5.48 -6.76
CA VAL B 352 -13.15 -4.26 -7.16
C VAL B 352 -11.75 -4.57 -7.66
N GLY B 353 -11.15 -5.66 -7.19
CA GLY B 353 -9.83 -6.03 -7.65
C GLY B 353 -9.79 -6.44 -9.10
N GLY B 354 -10.93 -6.87 -9.65
CA GLY B 354 -11.00 -7.23 -11.05
C GLY B 354 -11.19 -6.09 -12.00
N LEU B 355 -11.44 -4.88 -11.49
CA LEU B 355 -11.66 -3.73 -12.38
C LEU B 355 -10.45 -3.46 -13.27
N PRO B 356 -9.22 -3.39 -12.77
CA PRO B 356 -8.08 -3.20 -13.69
C PRO B 356 -8.03 -4.25 -14.78
N LEU B 357 -8.37 -5.50 -14.48
CA LEU B 357 -8.44 -6.52 -15.52
C LEU B 357 -9.51 -6.17 -16.56
N ALA B 358 -10.67 -5.69 -16.09
CA ALA B 358 -11.76 -5.39 -17.01
C ALA B 358 -11.38 -4.28 -17.97
N TYR B 359 -10.92 -3.15 -17.44
CA TYR B 359 -10.58 -2.01 -18.29
C TYR B 359 -9.45 -2.36 -19.24
N GLN B 360 -8.42 -3.05 -18.75
CA GLN B 360 -7.30 -3.40 -19.60
C GLN B 360 -7.76 -4.25 -20.78
N GLN B 361 -8.76 -5.11 -20.56
CA GLN B 361 -9.32 -5.89 -21.65
C GLN B 361 -10.07 -5.01 -22.63
N THR B 362 -10.82 -4.04 -22.12
CA THR B 362 -11.66 -3.22 -22.99
C THR B 362 -10.83 -2.40 -23.97
N SER B 363 -9.72 -1.82 -23.51
CA SER B 363 -8.90 -0.97 -24.35
C SER B 363 -8.04 -1.74 -25.34
N ALA B 364 -7.94 -3.07 -25.20
CA ALA B 364 -7.14 -3.86 -26.10
C ALA B 364 -7.79 -3.93 -27.49
N PHE B 365 -6.97 -4.20 -28.50
CA PHE B 365 -7.47 -4.29 -29.86
C PHE B 365 -8.44 -5.46 -30.00
N ALA B 366 -9.50 -5.24 -30.77
CA ALA B 366 -10.53 -6.24 -31.00
C ALA B 366 -10.57 -6.58 -32.49
N ARG B 367 -10.48 -7.88 -32.80
CA ARG B 367 -10.50 -8.30 -34.20
C ARG B 367 -11.88 -8.14 -34.81
N GLN B 368 -12.93 -8.47 -34.07
CA GLN B 368 -14.30 -8.41 -34.56
C GLN B 368 -15.16 -7.62 -33.58
N PRO B 369 -16.25 -7.03 -34.07
CA PRO B 369 -17.13 -6.29 -33.14
C PRO B 369 -17.69 -7.15 -32.03
N ARG B 370 -17.96 -8.44 -32.29
CA ARG B 370 -18.44 -9.31 -31.23
C ARG B 370 -17.43 -9.38 -30.08
N ASP B 371 -16.14 -9.37 -30.40
CA ASP B 371 -15.13 -9.36 -29.34
C ASP B 371 -15.27 -8.12 -28.46
N GLU B 372 -15.50 -6.96 -29.08
CA GLU B 372 -15.67 -5.74 -28.30
C GLU B 372 -16.90 -5.83 -27.40
N LEU B 373 -18.02 -6.32 -27.93
CA LEU B 373 -19.24 -6.39 -27.14
C LEU B 373 -19.04 -7.30 -25.93
N GLU B 374 -18.43 -8.46 -26.12
CA GLU B 374 -18.26 -9.39 -25.01
C GLU B 374 -17.46 -8.75 -23.89
N ARG B 375 -16.38 -8.03 -24.24
CA ARG B 375 -15.57 -7.39 -23.22
C ARG B 375 -16.35 -6.32 -22.47
N VAL B 376 -17.17 -5.54 -23.18
CA VAL B 376 -17.96 -4.51 -22.51
C VAL B 376 -18.97 -5.16 -21.58
N ARG B 377 -19.50 -6.31 -21.95
CA ARG B 377 -20.37 -7.04 -21.04
C ARG B 377 -19.61 -7.49 -19.80
N VAL B 378 -18.37 -7.96 -19.98
CA VAL B 378 -17.57 -8.39 -18.84
C VAL B 378 -17.24 -7.19 -17.96
N SER B 379 -16.86 -6.06 -18.56
CA SER B 379 -16.47 -4.90 -17.76
C SER B 379 -17.65 -4.39 -16.94
N CYS B 380 -18.83 -4.30 -17.53
CA CYS B 380 -19.99 -3.80 -16.80
C CYS B 380 -20.38 -4.74 -15.67
N THR B 381 -20.20 -6.05 -15.87
CA THR B 381 -20.57 -7.00 -14.84
C THR B 381 -19.80 -6.76 -13.55
N ILE B 382 -18.49 -6.51 -13.66
CA ILE B 382 -17.67 -6.32 -12.46
C ILE B 382 -18.02 -5.01 -11.77
N ILE B 383 -18.33 -3.96 -12.54
CA ILE B 383 -18.70 -2.70 -11.92
C ILE B 383 -20.00 -2.85 -11.14
N PHE B 384 -20.96 -3.59 -11.70
CA PHE B 384 -22.21 -3.83 -10.99
C PHE B 384 -21.99 -4.65 -9.73
N LEU B 385 -21.20 -5.73 -9.83
CA LEU B 385 -20.92 -6.54 -8.66
C LEU B 385 -20.18 -5.74 -7.60
N ALA B 386 -19.22 -4.92 -8.02
CA ALA B 386 -18.44 -4.16 -7.07
C ALA B 386 -19.31 -3.19 -6.29
N SER B 387 -20.29 -2.56 -6.95
CA SER B 387 -21.07 -1.50 -6.31
C SER B 387 -22.42 -1.96 -5.83
N ILE B 388 -22.92 -3.11 -6.29
CA ILE B 388 -24.20 -3.60 -5.77
C ILE B 388 -24.07 -3.91 -4.29
N PHE B 389 -22.90 -4.41 -3.87
CA PHE B 389 -22.70 -4.77 -2.48
C PHE B 389 -22.57 -3.54 -1.58
N GLN B 390 -22.06 -2.43 -2.13
CA GLN B 390 -22.09 -1.19 -1.38
C GLN B 390 -23.53 -0.75 -1.13
N LEU B 391 -24.41 -0.94 -2.12
CA LEU B 391 -25.82 -0.69 -1.89
C LEU B 391 -26.38 -1.65 -0.85
N ALA B 392 -25.93 -2.91 -0.87
CA ALA B 392 -26.40 -3.87 0.12
C ALA B 392 -26.04 -3.43 1.52
N MET B 393 -24.84 -2.89 1.71
CA MET B 393 -24.44 -2.43 3.03
C MET B 393 -25.36 -1.33 3.53
N TRP B 394 -25.73 -0.40 2.66
CA TRP B 394 -26.69 0.64 3.03
C TRP B 394 -28.02 0.02 3.44
N THR B 395 -28.54 -0.89 2.61
CA THR B 395 -29.83 -1.51 2.91
C THR B 395 -29.75 -2.32 4.20
N THR B 396 -28.67 -3.08 4.37
CA THR B 396 -28.53 -3.88 5.59
C THR B 396 -28.48 -2.98 6.82
N ALA B 397 -27.80 -1.85 6.72
CA ALA B 397 -27.79 -0.90 7.83
C ALA B 397 -29.18 -0.36 8.08
N LEU B 398 -29.95 -0.12 7.02
CA LEU B 398 -31.30 0.43 7.18
C LEU B 398 -32.18 -0.50 8.00
N LEU B 399 -31.92 -1.81 7.96
CA LEU B 399 -32.76 -2.75 8.70
C LEU B 399 -32.72 -2.45 10.19
N HIS B 400 -31.54 -2.17 10.72
CA HIS B 400 -31.39 -1.85 12.14
C HIS B 400 -30.86 -0.43 12.29
N GLN B 401 -31.45 0.49 11.50
CA GLN B 401 -30.92 1.85 11.44
C GLN B 401 -30.88 2.53 12.79
N ALA B 402 -31.72 2.11 13.73
CA ALA B 402 -31.75 2.76 15.03
C ALA B 402 -30.40 2.67 15.74
N GLU B 403 -29.65 1.59 15.48
CA GLU B 403 -28.41 1.33 16.19
C GLU B 403 -27.19 1.33 15.28
N THR B 404 -27.30 1.79 14.03
CA THR B 404 -26.23 1.67 13.07
C THR B 404 -25.87 2.96 12.34
N LEU B 405 -26.78 3.91 12.20
CA LEU B 405 -26.56 5.04 11.32
C LEU B 405 -26.82 6.34 12.07
N GLN B 406 -26.22 7.42 11.58
CA GLN B 406 -26.48 8.73 12.14
C GLN B 406 -27.94 9.11 11.89
N PRO B 407 -28.50 10.03 12.67
CA PRO B 407 -29.88 10.41 12.44
C PRO B 407 -30.11 11.36 11.27
N SER B 408 -29.06 11.78 10.57
CA SER B 408 -29.25 12.60 9.37
C SER B 408 -29.57 11.75 8.15
N VAL B 409 -29.52 10.43 8.25
CA VAL B 409 -29.78 9.55 7.12
C VAL B 409 -30.86 8.52 7.44
N TRP B 410 -31.70 8.79 8.44
CA TRP B 410 -32.82 7.92 8.72
C TRP B 410 -33.88 8.07 7.63
N PHE B 411 -34.86 7.18 7.64
CA PHE B 411 -36.01 7.33 6.76
C PHE B 411 -36.68 8.68 7.03
N GLY B 412 -36.91 9.46 5.97
CA GLY B 412 -37.45 10.79 6.12
C GLY B 412 -36.44 11.84 6.54
N GLY B 413 -35.16 11.49 6.65
CA GLY B 413 -34.16 12.45 7.05
C GLY B 413 -33.72 13.34 5.91
N ARG B 414 -32.86 14.31 6.25
CA ARG B 414 -32.42 15.29 5.25
C ARG B 414 -31.62 14.63 4.13
N GLU B 415 -30.61 13.85 4.49
CA GLU B 415 -29.68 13.29 3.51
C GLU B 415 -30.12 11.94 2.99
N HIS B 416 -31.28 11.43 3.40
CA HIS B 416 -31.66 10.06 3.05
C HIS B 416 -31.71 9.88 1.54
N VAL B 417 -32.40 10.77 0.84
CA VAL B 417 -32.52 10.63 -0.61
C VAL B 417 -31.15 10.76 -1.27
N LEU B 418 -30.34 11.70 -0.80
CA LEU B 418 -29.03 11.90 -1.42
C LEU B 418 -28.17 10.66 -1.32
N MET B 419 -28.04 10.09 -0.12
CA MET B 419 -27.16 8.93 0.05
C MET B 419 -27.64 7.77 -0.81
N PHE B 420 -28.95 7.53 -0.86
CA PHE B 420 -29.44 6.40 -1.64
C PHE B 420 -29.01 6.52 -3.10
N ALA B 421 -29.15 7.71 -3.69
CA ALA B 421 -28.74 7.89 -5.07
C ALA B 421 -27.23 7.70 -5.23
N LYS B 422 -26.46 8.20 -4.28
CA LYS B 422 -25.01 8.18 -4.42
C LYS B 422 -24.48 6.76 -4.53
N LEU B 423 -25.00 5.84 -3.72
CA LEU B 423 -24.56 4.45 -3.82
C LEU B 423 -25.16 3.74 -5.02
N ALA B 424 -26.38 4.13 -5.42
CA ALA B 424 -27.14 3.43 -6.43
C ALA B 424 -26.80 3.87 -7.85
N LEU B 425 -25.92 4.84 -8.03
CA LEU B 425 -25.63 5.36 -9.36
C LEU B 425 -24.94 4.30 -10.22
N TYR B 426 -23.86 3.71 -9.72
CA TYR B 426 -23.17 2.69 -10.50
C TYR B 426 -24.05 1.47 -10.78
N PRO B 427 -24.77 0.92 -9.81
CA PRO B 427 -25.69 -0.18 -10.15
C PRO B 427 -26.67 0.19 -11.25
N CYS B 428 -27.20 1.41 -11.23
CA CYS B 428 -28.10 1.85 -12.29
C CYS B 428 -27.36 2.09 -13.59
N ALA B 429 -26.23 2.80 -13.53
CA ALA B 429 -25.48 3.09 -14.74
C ALA B 429 -25.01 1.81 -15.43
N SER B 430 -24.53 0.85 -14.64
CA SER B 430 -24.04 -0.40 -15.22
C SER B 430 -25.15 -1.17 -15.90
N LEU B 431 -26.33 -1.24 -15.26
CA LEU B 431 -27.44 -1.98 -15.86
C LEU B 431 -27.85 -1.37 -17.19
N LEU B 432 -27.92 -0.04 -17.26
CA LEU B 432 -28.23 0.61 -18.54
C LEU B 432 -27.19 0.26 -19.59
N ALA B 433 -25.90 0.25 -19.20
CA ALA B 433 -24.86 -0.16 -20.14
C ALA B 433 -25.04 -1.62 -20.55
N PHE B 434 -25.30 -2.50 -19.59
CA PHE B 434 -25.52 -3.91 -19.93
C PHE B 434 -26.76 -4.08 -20.77
N ALA B 435 -27.85 -3.40 -20.40
CA ALA B 435 -29.08 -3.51 -21.19
C ALA B 435 -28.87 -3.01 -22.61
N SER B 436 -28.14 -1.90 -22.75
CA SER B 436 -27.84 -1.38 -24.08
C SER B 436 -27.10 -2.42 -24.92
N THR B 437 -26.15 -3.13 -24.31
CA THR B 437 -25.43 -4.16 -25.05
C THR B 437 -26.38 -5.24 -25.55
N CYS B 438 -27.32 -5.65 -24.71
CA CYS B 438 -28.23 -6.73 -25.11
C CYS B 438 -29.22 -6.26 -26.17
N LEU B 439 -29.67 -5.01 -26.07
CA LEU B 439 -30.75 -4.53 -26.93
C LEU B 439 -30.23 -3.82 -28.18
N LEU B 440 -29.50 -2.72 -28.00
CA LEU B 440 -29.08 -1.91 -29.13
C LEU B 440 -28.08 -2.67 -30.02
N SER B 441 -27.03 -3.23 -29.41
CA SER B 441 -26.06 -4.11 -30.05
C SER B 441 -25.12 -3.37 -31.00
N ARG B 442 -25.32 -2.08 -31.25
CA ARG B 442 -24.43 -1.31 -32.10
C ARG B 442 -23.94 -0.01 -31.47
N PHE B 443 -24.78 0.67 -30.70
CA PHE B 443 -24.37 1.88 -29.99
C PHE B 443 -23.86 1.58 -28.58
N SER B 444 -23.78 0.30 -28.21
CA SER B 444 -23.42 -0.05 -26.84
C SER B 444 -22.04 0.49 -26.47
N VAL B 445 -21.07 0.32 -27.35
CA VAL B 445 -19.70 0.74 -27.04
C VAL B 445 -19.67 2.24 -26.76
N GLY B 446 -20.35 3.02 -27.60
CA GLY B 446 -20.42 4.45 -27.35
C GLY B 446 -21.08 4.78 -26.02
N ILE B 447 -22.16 4.06 -25.69
CA ILE B 447 -22.83 4.28 -24.41
C ILE B 447 -21.88 4.00 -23.25
N PHE B 448 -21.13 2.89 -23.34
CA PHE B 448 -20.17 2.58 -22.28
C PHE B 448 -19.18 3.72 -22.08
N HIS B 449 -18.55 4.17 -23.17
CA HIS B 449 -17.62 5.30 -23.07
C HIS B 449 -18.35 6.56 -22.61
N LEU B 450 -19.55 6.79 -23.13
CA LEU B 450 -20.29 7.99 -22.74
C LEU B 450 -20.60 7.97 -21.25
N MET B 451 -21.05 6.83 -20.73
CA MET B 451 -21.35 6.73 -19.30
C MET B 451 -20.09 6.95 -18.47
N GLN B 452 -18.97 6.39 -18.93
CA GLN B 452 -17.72 6.56 -18.19
C GLN B 452 -17.36 8.03 -18.05
N ILE B 453 -17.78 8.86 -19.01
CA ILE B 453 -17.54 10.29 -18.90
C ILE B 453 -18.68 10.98 -18.17
N ALA B 454 -19.87 10.39 -18.18
CA ALA B 454 -21.04 11.01 -17.56
C ALA B 454 -21.13 10.75 -16.06
N VAL B 455 -20.75 9.56 -15.60
CA VAL B 455 -20.87 9.23 -14.19
C VAL B 455 -20.07 10.21 -13.33
N PRO B 456 -18.81 10.53 -13.63
CA PRO B 456 -18.12 11.55 -12.81
C PRO B 456 -18.86 12.87 -12.77
N CYS B 457 -19.48 13.28 -13.88
CA CYS B 457 -20.25 14.52 -13.87
C CYS B 457 -21.47 14.39 -12.97
N ALA B 458 -22.14 13.23 -12.99
CA ALA B 458 -23.29 13.04 -12.12
C ALA B 458 -22.90 13.12 -10.65
N PHE B 459 -21.75 12.53 -10.29
CA PHE B 459 -21.27 12.62 -8.92
C PHE B 459 -20.98 14.07 -8.54
N LEU B 460 -20.41 14.84 -9.47
CA LEU B 460 -20.10 16.23 -9.18
C LEU B 460 -21.36 17.04 -8.94
N LEU B 461 -22.39 16.84 -9.77
CA LEU B 461 -23.64 17.59 -9.71
C LEU B 461 -24.75 16.81 -9.03
N LEU B 462 -24.40 15.90 -8.10
CA LEU B 462 -25.41 15.06 -7.50
C LEU B 462 -26.41 15.87 -6.68
N ARG B 463 -25.91 16.89 -5.97
CA ARG B 463 -26.79 17.69 -5.12
C ARG B 463 -27.88 18.38 -5.92
N LEU B 464 -27.50 19.04 -7.01
CA LEU B 464 -28.50 19.73 -7.83
C LEU B 464 -29.35 18.74 -8.60
N LEU B 465 -28.74 17.67 -9.10
CA LEU B 465 -29.49 16.71 -9.92
C LEU B 465 -30.63 16.09 -9.13
N VAL B 466 -30.37 15.67 -7.89
CA VAL B 466 -31.42 15.07 -7.09
C VAL B 466 -32.48 16.11 -6.74
N GLY B 467 -32.06 17.32 -6.41
CA GLY B 467 -33.02 18.37 -6.07
C GLY B 467 -33.97 18.66 -7.22
N LEU B 468 -33.45 18.73 -8.44
CA LEU B 468 -34.30 18.90 -9.60
C LEU B 468 -35.27 17.74 -9.75
N ALA B 469 -34.78 16.51 -9.54
CA ALA B 469 -35.65 15.34 -9.66
C ALA B 469 -36.77 15.38 -8.62
N LEU B 470 -36.46 15.79 -7.39
CA LEU B 470 -37.49 15.88 -6.37
C LEU B 470 -38.58 16.86 -6.78
N ALA B 471 -38.20 18.02 -7.32
CA ALA B 471 -39.19 18.97 -7.80
C ALA B 471 -40.00 18.39 -8.95
N THR B 472 -39.34 17.65 -9.85
CA THR B 472 -40.04 17.04 -10.97
C THR B 472 -41.11 16.07 -10.48
N LEU B 473 -40.77 15.24 -9.50
CA LEU B 473 -41.71 14.26 -8.95
C LEU B 473 -42.80 14.96 -8.13
C10 A1AA3 C . 5.73 -6.00 -12.71
C13 A1AA3 C . 7.80 -8.65 -11.49
C17 A1AA3 C . 6.73 -10.19 -13.45
C20 A1AA3 C . 3.46 -4.44 -8.40
C02 A1AA3 C . 3.12 -4.15 -7.12
C03 A1AA3 C . 3.93 -4.53 -6.09
C04 A1AA3 C . 5.09 -5.22 -6.36
C06 A1AA3 C . 4.64 -5.14 -8.65
C07 A1AA3 C . 5.03 -5.48 -10.08
C08 A1AA3 C . 4.79 -4.55 -11.07
C09 A1AA3 C . 5.13 -4.80 -12.38
C11 A1AA3 C . 5.99 -6.94 -11.73
C12 A1AA3 C . 6.65 -8.25 -12.12
C14 A1AA3 C . 8.40 -9.80 -11.82
C16 A1AA3 C . 7.90 -10.57 -12.78
C19 A1AA3 C . 5.64 -6.69 -10.40
N01 A1AA3 C . 1.90 -3.42 -6.84
N05 A1AA3 C . 5.43 -5.52 -7.62
N15 A1AA3 C . 9.61 -10.20 -11.14
N18 A1AA3 C . 6.10 -9.02 -13.12
#